data_4RC0
# 
_entry.id   4RC0 
# 
_audit_conform.dict_name       mmcif_pdbx.dic 
_audit_conform.dict_version    5.379 
_audit_conform.dict_location   http://mmcif.pdb.org/dictionaries/ascii/mmcif_pdbx.dic 
# 
loop_
_database_2.database_id 
_database_2.database_code 
_database_2.pdbx_database_accession 
_database_2.pdbx_DOI 
PDB   4RC0         pdb_00004rc0 10.2210/pdb4rc0/pdb 
NDB   NA3177       ?            ?                   
RCSB  RCSB087157   ?            ?                   
WWPDB D_1000087157 ?            ?                   
# 
loop_
_pdbx_database_related.db_name 
_pdbx_database_related.db_id 
_pdbx_database_related.details 
_pdbx_database_related.content_type 
PDB 4RBY . unspecified 
PDB 4RBZ . unspecified 
# 
_pdbx_database_status.status_code                     REL 
_pdbx_database_status.entry_id                        4RC0 
_pdbx_database_status.recvd_initial_deposition_date   2014-09-13 
_pdbx_database_status.deposit_site                    RCSB 
_pdbx_database_status.process_site                    RCSB 
_pdbx_database_status.status_code_sf                  REL 
_pdbx_database_status.status_code_mr                  ? 
_pdbx_database_status.SG_entry                        ? 
_pdbx_database_status.status_code_cs                  ? 
_pdbx_database_status.methods_development_category    ? 
_pdbx_database_status.pdb_format_compatible           Y 
_pdbx_database_status.status_code_nmr_data            ? 
# 
loop_
_audit_author.name 
_audit_author.pdbx_ordinal 
'Pallan, P.S.' 1 
'Egli, M.'     2 
# 
_citation.id                        primary 
_citation.title                     'Crystal Structure, Stability and siRNA Activity of Phosphorodithioate-Modified RNAs' 
_citation.journal_abbrev            'To be Published' 
_citation.journal_volume            ? 
_citation.page_first                ? 
_citation.page_last                 ? 
_citation.year                      ? 
_citation.journal_id_ASTM           ? 
_citation.country                   ? 
_citation.journal_id_ISSN           ? 
_citation.journal_id_CSD            0353 
_citation.book_publisher            ? 
_citation.pdbx_database_id_PubMed   ? 
_citation.pdbx_database_id_DOI      ? 
# 
loop_
_citation_author.citation_id 
_citation_author.name 
_citation_author.ordinal 
_citation_author.identifier_ORCID 
primary 'Pallan, P.S.'    1 ? 
primary 'Yang, X.'        2 ? 
primary 'Sierant, M.'     3 ? 
primary 'Abeydeera, N.D.' 4 ? 
primary 'Hassell, T.'     5 ? 
primary 'Martinez, C.'    6 ? 
primary 'Janicka, M.'     7 ? 
primary 'Nawrot, B.'      8 ? 
primary 'Egli, M.'        9 ? 
# 
_cell.entry_id           4RC0 
_cell.length_a           40.914 
_cell.length_b           34.836 
_cell.length_c           32.274 
_cell.angle_alpha        90.00 
_cell.angle_beta         127.50 
_cell.angle_gamma        90.00 
_cell.Z_PDB              4 
_cell.pdbx_unique_axis   ? 
_cell.length_a_esd       ? 
_cell.length_b_esd       ? 
_cell.length_c_esd       ? 
_cell.angle_alpha_esd    ? 
_cell.angle_beta_esd     ? 
_cell.angle_gamma_esd    ? 
# 
_symmetry.entry_id                         4RC0 
_symmetry.space_group_name_H-M             'C 1 2 1' 
_symmetry.pdbx_full_space_group_name_H-M   ? 
_symmetry.cell_setting                     ? 
_symmetry.Int_Tables_number                5 
_symmetry.space_group_name_Hall            ? 
# 
loop_
_entity.id 
_entity.type 
_entity.src_method 
_entity.pdbx_description 
_entity.formula_weight 
_entity.pdbx_number_of_molecules 
_entity.pdbx_ec 
_entity.pdbx_mutation 
_entity.pdbx_fragment 
_entity.details 
1 polymer syn "5'-R(*CP*GP*CP*GP*AP*AP*UP*UP*(A2M)P*(2SG)P*CP*G)-3'" 3899.534 1  ? ? ? 'Guanosine phosphorodithioate RNA' 
2 water   nat water                                                  18.015   69 ? ? ? ?                                  
# 
_entity_poly.entity_id                      1 
_entity_poly.type                           polyribonucleotide 
_entity_poly.nstd_linkage                   no 
_entity_poly.nstd_monomer                   yes 
_entity_poly.pdbx_seq_one_letter_code       'CGCGAAUU(A2M)(2SG)CG' 
_entity_poly.pdbx_seq_one_letter_code_can   CGCGAAUUAXCG 
_entity_poly.pdbx_strand_id                 A 
_entity_poly.pdbx_target_identifier         ? 
# 
loop_
_entity_poly_seq.entity_id 
_entity_poly_seq.num 
_entity_poly_seq.mon_id 
_entity_poly_seq.hetero 
1 1  C   n 
1 2  G   n 
1 3  C   n 
1 4  G   n 
1 5  A   n 
1 6  A   n 
1 7  U   n 
1 8  U   n 
1 9  A2M n 
1 10 2SG n 
1 11 C   n 
1 12 G   n 
# 
_pdbx_entity_src_syn.entity_id              1 
_pdbx_entity_src_syn.pdbx_src_id            1 
_pdbx_entity_src_syn.pdbx_alt_source_flag   sample 
_pdbx_entity_src_syn.pdbx_beg_seq_num       ? 
_pdbx_entity_src_syn.pdbx_end_seq_num       ? 
_pdbx_entity_src_syn.organism_scientific    'synthetic construct' 
_pdbx_entity_src_syn.organism_common_name   ? 
_pdbx_entity_src_syn.ncbi_taxonomy_id       32630 
_pdbx_entity_src_syn.details                ? 
# 
_struct_ref.id                         1 
_struct_ref.db_name                    PDB 
_struct_ref.db_code                    4RC0 
_struct_ref.pdbx_db_accession          4RC0 
_struct_ref.entity_id                  1 
_struct_ref.pdbx_align_begin           1 
_struct_ref.pdbx_seq_one_letter_code   'CGCGAAUU(A2M)(2SG)CG' 
_struct_ref.pdbx_db_isoform            ? 
# 
_struct_ref_seq.align_id                      1 
_struct_ref_seq.ref_id                        1 
_struct_ref_seq.pdbx_PDB_id_code              4RC0 
_struct_ref_seq.pdbx_strand_id                A 
_struct_ref_seq.seq_align_beg                 1 
_struct_ref_seq.pdbx_seq_align_beg_ins_code   ? 
_struct_ref_seq.seq_align_end                 12 
_struct_ref_seq.pdbx_seq_align_end_ins_code   ? 
_struct_ref_seq.pdbx_db_accession             4RC0 
_struct_ref_seq.db_align_beg                  101 
_struct_ref_seq.pdbx_db_align_beg_ins_code    ? 
_struct_ref_seq.db_align_end                  112 
_struct_ref_seq.pdbx_db_align_end_ins_code    ? 
_struct_ref_seq.pdbx_auth_seq_align_beg       101 
_struct_ref_seq.pdbx_auth_seq_align_end       112 
# 
loop_
_chem_comp.id 
_chem_comp.type 
_chem_comp.mon_nstd_flag 
_chem_comp.name 
_chem_comp.pdbx_synonyms 
_chem_comp.formula 
_chem_comp.formula_weight 
2SG 'RNA linking' n 'guanosine phosphorodithioate'                   ? 'C10 H16 N5 O6 P S2' 397.368 
A   'RNA linking' y "ADENOSINE-5'-MONOPHOSPHATE"                     ? 'C10 H14 N5 O7 P'    347.221 
A2M 'RNA linking' n 
;2'-O-methyladenosine 5'-(dihydrogen phosphate)
;
? 'C11 H16 N5 O7 P'    361.248 
C   'RNA linking' y "CYTIDINE-5'-MONOPHOSPHATE"                      ? 'C9 H14 N3 O8 P'     323.197 
G   'RNA linking' y "GUANOSINE-5'-MONOPHOSPHATE"                     ? 'C10 H14 N5 O8 P'    363.221 
HOH non-polymer   . WATER                                            ? 'H2 O'               18.015  
U   'RNA linking' y "URIDINE-5'-MONOPHOSPHATE"                       ? 'C9 H13 N2 O9 P'     324.181 
# 
_exptl.entry_id          4RC0 
_exptl.method            'X-RAY DIFFRACTION' 
_exptl.crystals_number   1 
# 
_exptl_crystal.id                    1 
_exptl_crystal.density_meas          ? 
_exptl_crystal.density_Matthews      2.34 
_exptl_crystal.density_percent_sol   47.43 
_exptl_crystal.description           ? 
_exptl_crystal.F_000                 ? 
_exptl_crystal.preparation           ? 
# 
_exptl_crystal_grow.crystal_id      1 
_exptl_crystal_grow.method          'VAPOR DIFFUSION, HANGING DROP' 
_exptl_crystal_grow.temp            291 
_exptl_crystal_grow.temp_details    ? 
_exptl_crystal_grow.pH              6.0 
_exptl_crystal_grow.pdbx_details    
;20 mM sodium cacodylate, 40 mM sodium chloride, 6 mM spermine tetrahydrochloride, 5% v/v MPD, pH 6.0, VAPOR DIFFUSION, HANGING DROP, temperature 291K
;
_exptl_crystal_grow.pdbx_pH_range   ? 
# 
_diffrn.id                     1 
_diffrn.ambient_temp           100 
_diffrn.ambient_temp_details   ? 
_diffrn.crystal_id             1 
# 
_diffrn_detector.diffrn_id              1 
_diffrn_detector.detector               CCD 
_diffrn_detector.type                   'MARMOSAIC 300 mm CCD' 
_diffrn_detector.pdbx_collection_date   2013-10-03 
_diffrn_detector.details                ? 
# 
_diffrn_radiation.diffrn_id                        1 
_diffrn_radiation.wavelength_id                    1 
_diffrn_radiation.pdbx_monochromatic_or_laue_m_l   M 
_diffrn_radiation.monochromator                    'diamond(111)' 
_diffrn_radiation.pdbx_diffrn_protocol             'SINGLE WAVELENGTH' 
_diffrn_radiation.pdbx_scattering_type             x-ray 
# 
_diffrn_radiation_wavelength.id           1 
_diffrn_radiation_wavelength.wavelength   0.97857 
_diffrn_radiation_wavelength.wt           1.0 
# 
_diffrn_source.diffrn_id                   1 
_diffrn_source.source                      SYNCHROTRON 
_diffrn_source.type                        'APS BEAMLINE 21-ID-G' 
_diffrn_source.pdbx_synchrotron_site       APS 
_diffrn_source.pdbx_synchrotron_beamline   21-ID-G 
_diffrn_source.pdbx_wavelength             ? 
_diffrn_source.pdbx_wavelength_list        0.97857 
# 
_reflns.entry_id                     4RC0 
_reflns.observed_criterion_sigma_I   5 
_reflns.observed_criterion_sigma_F   ? 
_reflns.d_resolution_low             50 
_reflns.d_resolution_high            1.13 
_reflns.number_obs                   12968 
_reflns.number_all                   13579 
_reflns.percent_possible_obs         95.5 
_reflns.pdbx_Rmerge_I_obs            0.049 
_reflns.pdbx_Rsym_value              ? 
_reflns.pdbx_netI_over_sigmaI        49.21 
_reflns.B_iso_Wilson_estimate        ? 
_reflns.pdbx_redundancy              6.6 
_reflns.R_free_details               ? 
_reflns.limit_h_max                  ? 
_reflns.limit_h_min                  ? 
_reflns.limit_k_max                  ? 
_reflns.limit_k_min                  ? 
_reflns.limit_l_max                  ? 
_reflns.limit_l_min                  ? 
_reflns.observed_criterion_F_max     ? 
_reflns.observed_criterion_F_min     ? 
_reflns.pdbx_chi_squared             ? 
_reflns.pdbx_scaling_rejects         ? 
_reflns.pdbx_ordinal                 1 
_reflns.pdbx_diffrn_id               1 
# 
_reflns_shell.d_res_high             1.13 
_reflns_shell.d_res_low              1.17 
_reflns_shell.percent_possible_all   90.7 
_reflns_shell.Rmerge_I_obs           0.212 
_reflns_shell.pdbx_Rsym_value        ? 
_reflns_shell.meanI_over_sigI_obs    4.83 
_reflns_shell.pdbx_redundancy        3.1 
_reflns_shell.percent_possible_obs   ? 
_reflns_shell.number_unique_all      1234 
_reflns_shell.number_measured_all    ? 
_reflns_shell.number_measured_obs    ? 
_reflns_shell.number_unique_obs      ? 
_reflns_shell.pdbx_chi_squared       ? 
_reflns_shell.pdbx_ordinal           1 
_reflns_shell.pdbx_diffrn_id         1 
# 
_refine.entry_id                                 4RC0 
_refine.ls_number_reflns_obs                     12297 
_refine.ls_number_reflns_all                     ? 
_refine.pdbx_ls_sigma_I                          ? 
_refine.pdbx_ls_sigma_F                          ? 
_refine.pdbx_data_cutoff_high_absF               ? 
_refine.pdbx_data_cutoff_low_absF                ? 
_refine.pdbx_data_cutoff_high_rms_absF           ? 
_refine.ls_d_res_low                             50 
_refine.ls_d_res_high                            1.13 
_refine.ls_percent_reflns_obs                    95.5 
_refine.ls_R_factor_obs                          ? 
_refine.ls_R_factor_all                          ? 
_refine.ls_R_factor_R_work                       0.181 
_refine.ls_R_factor_R_free                       0.211 
_refine.ls_R_factor_R_free_error                 ? 
_refine.ls_R_factor_R_free_error_details         ? 
_refine.ls_percent_reflns_R_free                 ? 
_refine.ls_number_reflns_R_free                  653 
_refine.ls_number_parameters                     ? 
_refine.ls_number_restraints                     ? 
_refine.occupancy_min                            ? 
_refine.occupancy_max                            ? 
_refine.correlation_coeff_Fo_to_Fc               ? 
_refine.correlation_coeff_Fo_to_Fc_free          ? 
_refine.B_iso_mean                               ? 
_refine.aniso_B[1][1]                            ? 
_refine.aniso_B[2][2]                            ? 
_refine.aniso_B[3][3]                            ? 
_refine.aniso_B[1][2]                            ? 
_refine.aniso_B[1][3]                            ? 
_refine.aniso_B[2][3]                            ? 
_refine.solvent_model_details                    ? 
_refine.solvent_model_param_ksol                 ? 
_refine.solvent_model_param_bsol                 ? 
_refine.pdbx_solvent_vdw_probe_radii             ? 
_refine.pdbx_solvent_ion_probe_radii             ? 
_refine.pdbx_solvent_shrinkage_radii             ? 
_refine.pdbx_ls_cross_valid_method               THROUGHOUT 
_refine.details                                  ? 
_refine.pdbx_starting_model                      'PDB ENTRY 2Q1R' 
_refine.pdbx_method_to_determine_struct          'MOLECULAR REPLACEMENT' 
_refine.pdbx_isotropic_thermal_model             ? 
_refine.pdbx_stereochemistry_target_values       'Engh & Huber' 
_refine.pdbx_stereochem_target_val_spec_case     ? 
_refine.pdbx_R_Free_selection_details            RANDOM 
_refine.pdbx_overall_ESU_R                       ? 
_refine.pdbx_overall_ESU_R_Free                  ? 
_refine.overall_SU_ML                            ? 
_refine.pdbx_overall_phase_error                 ? 
_refine.overall_SU_B                             ? 
_refine.overall_SU_R_Cruickshank_DPI             ? 
_refine.ls_redundancy_reflns_obs                 ? 
_refine.B_iso_min                                ? 
_refine.B_iso_max                                ? 
_refine.overall_SU_R_free                        ? 
_refine.ls_wR_factor_R_free                      ? 
_refine.ls_wR_factor_R_work                      ? 
_refine.overall_FOM_free_R_set                   ? 
_refine.overall_FOM_work_R_set                   ? 
_refine.pdbx_diffrn_id                           1 
_refine.pdbx_refine_id                           'X-RAY DIFFRACTION' 
_refine.pdbx_TLS_residual_ADP_flag               ? 
_refine.pdbx_overall_SU_R_free_Cruickshank_DPI   ? 
_refine.pdbx_overall_SU_R_Blow_DPI               ? 
_refine.pdbx_overall_SU_R_free_Blow_DPI          ? 
# 
_refine_hist.pdbx_refine_id                   'X-RAY DIFFRACTION' 
_refine_hist.cycle_id                         LAST 
_refine_hist.pdbx_number_atoms_protein        0 
_refine_hist.pdbx_number_atoms_nucleic_acid   255 
_refine_hist.pdbx_number_atoms_ligand         0 
_refine_hist.number_atoms_solvent             69 
_refine_hist.number_atoms_total               324 
_refine_hist.d_res_high                       1.13 
_refine_hist.d_res_low                        50 
# 
loop_
_refine_ls_restr.type 
_refine_ls_restr.dev_ideal 
_refine_ls_restr.dev_ideal_target 
_refine_ls_restr.weight 
_refine_ls_restr.number 
_refine_ls_restr.pdbx_restraint_function 
_refine_ls_restr.pdbx_refine_id 
s_bond_d  0.011 ? ? ? ? 'X-RAY DIFFRACTION' 
s_angle_d 0.035 ? ? ? ? 'X-RAY DIFFRACTION' 
# 
_pdbx_refine.entry_id                                    4RC0 
_pdbx_refine.pdbx_refine_id                              'X-RAY DIFFRACTION' 
_pdbx_refine.R_factor_obs_no_cutoff                      0.181 
_pdbx_refine.free_R_factor_no_cutoff                     0.211 
_pdbx_refine.R_factor_all_no_cutoff                      ? 
_pdbx_refine.free_R_error_no_cutoff                      ? 
_pdbx_refine.free_R_val_test_set_size_perc_no_cutoff     ? 
_pdbx_refine.free_R_val_test_set_ct_no_cutoff            ? 
_pdbx_refine.R_factor_all_4sig_cutoff                    ? 
_pdbx_refine.R_factor_obs_4sig_cutoff                    ? 
_pdbx_refine.free_R_factor_4sig_cutoff                   ? 
_pdbx_refine.free_R_val_test_set_size_perc_4sig_cutoff   ? 
_pdbx_refine.free_R_val_test_set_ct_4sig_cutoff          ? 
_pdbx_refine.number_reflns_obs_4sig_cutoff               ? 
# 
_struct.entry_id                  4RC0 
_struct.title                     'X-ray structure of RNA containing guanosine phosphorodithioate' 
_struct.pdbx_model_details        ? 
_struct.pdbx_CASP_flag            ? 
_struct.pdbx_model_type_details   ? 
# 
_struct_keywords.entry_id        4RC0 
_struct_keywords.pdbx_keywords   RNA 
_struct_keywords.text            
'phosphorodithioate RNA, guanosine phosphorodithioate, phosphorothioate, guanosine analogue, hydrophobic, backbone, RNA' 
# 
loop_
_struct_asym.id 
_struct_asym.pdbx_blank_PDB_chainid_flag 
_struct_asym.pdbx_modified 
_struct_asym.entity_id 
_struct_asym.details 
A N N 1 ? 
B N N 2 ? 
# 
_struct_biol.id        1 
_struct_biol.details   ? 
# 
loop_
_struct_conn.id 
_struct_conn.conn_type_id 
_struct_conn.pdbx_leaving_atom_flag 
_struct_conn.pdbx_PDB_id 
_struct_conn.ptnr1_label_asym_id 
_struct_conn.ptnr1_label_comp_id 
_struct_conn.ptnr1_label_seq_id 
_struct_conn.ptnr1_label_atom_id 
_struct_conn.pdbx_ptnr1_label_alt_id 
_struct_conn.pdbx_ptnr1_PDB_ins_code 
_struct_conn.pdbx_ptnr1_standard_comp_id 
_struct_conn.ptnr1_symmetry 
_struct_conn.ptnr2_label_asym_id 
_struct_conn.ptnr2_label_comp_id 
_struct_conn.ptnr2_label_seq_id 
_struct_conn.ptnr2_label_atom_id 
_struct_conn.pdbx_ptnr2_label_alt_id 
_struct_conn.pdbx_ptnr2_PDB_ins_code 
_struct_conn.ptnr1_auth_asym_id 
_struct_conn.ptnr1_auth_comp_id 
_struct_conn.ptnr1_auth_seq_id 
_struct_conn.ptnr2_auth_asym_id 
_struct_conn.ptnr2_auth_comp_id 
_struct_conn.ptnr2_auth_seq_id 
_struct_conn.ptnr2_symmetry 
_struct_conn.pdbx_ptnr3_label_atom_id 
_struct_conn.pdbx_ptnr3_label_seq_id 
_struct_conn.pdbx_ptnr3_label_comp_id 
_struct_conn.pdbx_ptnr3_label_asym_id 
_struct_conn.pdbx_ptnr3_label_alt_id 
_struct_conn.pdbx_ptnr3_PDB_ins_code 
_struct_conn.details 
_struct_conn.pdbx_dist_value 
_struct_conn.pdbx_value_order 
_struct_conn.pdbx_role 
covale1  covale both ? A U   8  "O3'" A ? ? 1_555 A A2M 9  P  A ? A U   108 A A2M 109 1_555 ? ? ? ? ? ? ?            1.599 ? ? 
covale2  covale both ? A U   8  "O3'" B ? ? 1_555 A A2M 9  P  B ? A U   108 A A2M 109 1_555 ? ? ? ? ? ? ?            1.598 ? ? 
covale3  covale one  ? A A2M 9  "O3'" A ? ? 1_555 A 2SG 10 P  ? ? A A2M 109 A 2SG 110 1_555 ? ? ? ? ? ? ?            1.620 ? ? 
covale4  covale one  ? A A2M 9  "O3'" B ? ? 1_555 A 2SG 10 P  ? ? A A2M 109 A 2SG 110 1_555 ? ? ? ? ? ? ?            1.598 ? ? 
covale5  covale both ? A 2SG 10 "O3'" ? ? ? 1_555 A C   11 P  ? ? A 2SG 110 A C   111 1_555 ? ? ? ? ? ? ?            1.600 ? ? 
hydrog1  hydrog ?    ? A C   1  N3    ? ? ? 1_555 A G   12 N1 ? ? A C   101 A G   112 2_556 ? ? ? ? ? ? WATSON-CRICK ?     ? ? 
hydrog2  hydrog ?    ? A C   1  N4    ? ? ? 1_555 A G   12 O6 ? ? A C   101 A G   112 2_556 ? ? ? ? ? ? WATSON-CRICK ?     ? ? 
hydrog3  hydrog ?    ? A C   1  O2    ? ? ? 1_555 A G   12 N2 ? ? A C   101 A G   112 2_556 ? ? ? ? ? ? WATSON-CRICK ?     ? ? 
hydrog4  hydrog ?    ? A G   2  N1    ? ? ? 1_555 A C   11 N3 ? ? A G   102 A C   111 2_556 ? ? ? ? ? ? WATSON-CRICK ?     ? ? 
hydrog5  hydrog ?    ? A G   2  N2    ? ? ? 1_555 A C   11 O2 ? ? A G   102 A C   111 2_556 ? ? ? ? ? ? WATSON-CRICK ?     ? ? 
hydrog6  hydrog ?    ? A G   2  O6    ? ? ? 1_555 A C   11 N4 ? ? A G   102 A C   111 2_556 ? ? ? ? ? ? WATSON-CRICK ?     ? ? 
hydrog7  hydrog ?    ? A G   4  N1    ? ? ? 1_555 A A2M 9  N1 ? ? A G   104 A A2M 109 2_556 ? ? ? ? ? ? TYPE_8_PAIR  ?     ? ? 
hydrog8  hydrog ?    ? A G   4  O6    ? ? ? 1_555 A A2M 9  N6 ? ? A G   104 A A2M 109 2_556 ? ? ? ? ? ? TYPE_8_PAIR  ?     ? ? 
hydrog9  hydrog ?    ? A A   5  N6    A ? ? 1_555 A U   8  O4 A ? A A   105 A U   108 2_556 ? ? ? ? ? ? 'A-U PAIR'   ?     ? ? 
hydrog10 hydrog ?    ? A U   8  O4    A ? ? 1_555 A A   5  N6 A ? A U   108 A A   105 2_556 ? ? ? ? ? ? 'U-A PAIR'   ?     ? ? 
hydrog11 hydrog ?    ? A A2M 9  N1    ? ? ? 1_555 A G   4  N1 ? ? A A2M 109 A G   104 2_556 ? ? ? ? ? ? TYPE_8_PAIR  ?     ? ? 
hydrog12 hydrog ?    ? A A2M 9  N6    ? ? ? 1_555 A G   4  O6 ? ? A A2M 109 A G   104 2_556 ? ? ? ? ? ? TYPE_8_PAIR  ?     ? ? 
hydrog13 hydrog ?    ? A C   11 N3    ? ? ? 1_555 A G   2  N1 ? ? A C   111 A G   102 2_556 ? ? ? ? ? ? WATSON-CRICK ?     ? ? 
hydrog14 hydrog ?    ? A C   11 N4    ? ? ? 1_555 A G   2  O6 ? ? A C   111 A G   102 2_556 ? ? ? ? ? ? WATSON-CRICK ?     ? ? 
hydrog15 hydrog ?    ? A C   11 O2    ? ? ? 1_555 A G   2  N2 ? ? A C   111 A G   102 2_556 ? ? ? ? ? ? WATSON-CRICK ?     ? ? 
hydrog16 hydrog ?    ? A G   12 N1    ? ? ? 1_555 A C   1  N3 ? ? A G   112 A C   101 2_556 ? ? ? ? ? ? WATSON-CRICK ?     ? ? 
hydrog17 hydrog ?    ? A G   12 N2    ? ? ? 1_555 A C   1  O2 ? ? A G   112 A C   101 2_556 ? ? ? ? ? ? WATSON-CRICK ?     ? ? 
hydrog18 hydrog ?    ? A G   12 O6    ? ? ? 1_555 A C   1  N4 ? ? A G   112 A C   101 2_556 ? ? ? ? ? ? WATSON-CRICK ?     ? ? 
# 
loop_
_struct_conn_type.id 
_struct_conn_type.criteria 
_struct_conn_type.reference 
covale ? ? 
hydrog ? ? 
# 
_atom_sites.entry_id                    4RC0 
_atom_sites.fract_transf_matrix[1][1]   0.00725874 
_atom_sites.fract_transf_matrix[1][2]   -0.02902901 
_atom_sites.fract_transf_matrix[1][3]   -0.00733407 
_atom_sites.fract_transf_matrix[2][1]   0.00443384 
_atom_sites.fract_transf_matrix[2][2]   0.00798432 
_atom_sites.fract_transf_matrix[2][3]   -0.02721445 
_atom_sites.fract_transf_matrix[3][1]   0.03533105 
_atom_sites.fract_transf_matrix[3][2]   -0.01662034 
_atom_sites.fract_transf_matrix[3][3]   0.00088006 
_atom_sites.fract_transf_vector[1]      -0.001782 
_atom_sites.fract_transf_vector[2]      0.014900 
_atom_sites.fract_transf_vector[3]      0.421597 
# 
loop_
_atom_type.symbol 
C 
N 
O 
P 
S 
# 
loop_
_atom_site.group_PDB 
_atom_site.id 
_atom_site.type_symbol 
_atom_site.label_atom_id 
_atom_site.label_alt_id 
_atom_site.label_comp_id 
_atom_site.label_asym_id 
_atom_site.label_entity_id 
_atom_site.label_seq_id 
_atom_site.pdbx_PDB_ins_code 
_atom_site.Cartn_x 
_atom_site.Cartn_y 
_atom_site.Cartn_z 
_atom_site.occupancy 
_atom_site.B_iso_or_equiv 
_atom_site.pdbx_formal_charge 
_atom_site.auth_seq_id 
_atom_site.auth_comp_id 
_atom_site.auth_asym_id 
_atom_site.auth_atom_id 
_atom_site.pdbx_PDB_model_num 
ATOM   1   O "O5'" . C   A 1 1  ? 15.158  -4.325  5.126   1.00 18.34 ? 101 C   A "O5'" 1 
ATOM   2   C "C5'" . C   A 1 1  ? 15.381  -5.224  6.225   1.00 16.22 ? 101 C   A "C5'" 1 
ATOM   3   C "C4'" . C   A 1 1  ? 15.344  -4.531  7.551   1.00 12.49 ? 101 C   A "C4'" 1 
ATOM   4   O "O4'" . C   A 1 1  ? 16.374  -3.511  7.632   1.00 12.29 ? 101 C   A "O4'" 1 
ATOM   5   C "C3'" . C   A 1 1  ? 14.061  -3.764  7.867   1.00 12.23 ? 101 C   A "C3'" 1 
ATOM   6   O "O3'" . C   A 1 1  ? 13.043  -4.663  8.266   1.00 12.65 ? 101 C   A "O3'" 1 
ATOM   7   C "C2'" . C   A 1 1  ? 14.527  -2.830  8.960   1.00 10.98 ? 101 C   A "C2'" 1 
ATOM   8   O "O2'" . C   A 1 1  ? 14.788  -3.621  10.155  1.00 11.77 ? 101 C   A "O2'" 1 
ATOM   9   C "C1'" . C   A 1 1  ? 15.883  -2.425  8.420   1.00 11.20 ? 101 C   A "C1'" 1 
ATOM   10  N N1    . C   A 1 1  ? 15.874  -1.215  7.559   1.00 9.10  ? 101 C   A N1    1 
ATOM   11  C C2    . C   A 1 1  ? 15.767  0.012   8.221   1.00 8.91  ? 101 C   A C2    1 
ATOM   12  O O2    . C   A 1 1  ? 15.680  0.027   9.442   1.00 10.12 ? 101 C   A O2    1 
ATOM   13  N N3    . C   A 1 1  ? 15.781  1.136   7.483   1.00 9.36  ? 101 C   A N3    1 
ATOM   14  C C4    . C   A 1 1  ? 15.887  1.077   6.145   1.00 9.39  ? 101 C   A C4    1 
ATOM   15  N N4    . C   A 1 1  ? 15.876  2.231   5.475   1.00 10.81 ? 101 C   A N4    1 
ATOM   16  C C5    . C   A 1 1  ? 15.994  -0.164  5.455   1.00 11.15 ? 101 C   A C5    1 
ATOM   17  C C6    . C   A 1 1  ? 15.993  -1.271  6.223   1.00 10.47 ? 101 C   A C6    1 
ATOM   18  P P     . G   A 1 2  ? 11.493  -4.250  8.113   1.00 13.43 ? 102 G   A P     1 
ATOM   19  O OP1   . G   A 1 2  ? 10.714  -5.456  8.470   1.00 15.85 ? 102 G   A OP1   1 
ATOM   20  O OP2   . G   A 1 2  ? 11.217  -3.588  6.803   1.00 13.72 ? 102 G   A OP2   1 
ATOM   21  O "O5'" . G   A 1 2  ? 11.303  -3.111  9.186   1.00 12.85 ? 102 G   A "O5'" 1 
ATOM   22  C "C5'" . G   A 1 2  ? 11.306  -3.382  10.606  1.00 13.70 ? 102 G   A "C5'" 1 
ATOM   23  C "C4'" . G   A 1 2  ? 11.057  -2.047  11.291  1.00 12.36 ? 102 G   A "C4'" 1 
ATOM   24  O "O4'" . G   A 1 2  ? 12.124  -1.134  10.978  1.00 13.44 ? 102 G   A "O4'" 1 
ATOM   25  C "C3'" . G   A 1 2  ? 9.804   -1.300  10.865  1.00 11.83 ? 102 G   A "C3'" 1 
ATOM   26  O "O3'" . G   A 1 2  ? 8.662   -1.826  11.498  1.00 13.61 ? 102 G   A "O3'" 1 
ATOM   27  C "C2'" . G   A 1 2  ? 10.085  0.122   11.298  1.00 12.05 ? 102 G   A "C2'" 1 
ATOM   28  O "O2'" . G   A 1 2  ? 10.019  0.235   12.730  1.00 14.30 ? 102 G   A "O2'" 1 
ATOM   29  C "C1'" . G   A 1 2  ? 11.542  0.203   10.940  1.00 12.29 ? 102 G   A "C1'" 1 
ATOM   30  N N9    . G   A 1 2  ? 11.886  0.725   9.599   1.00 10.72 ? 102 G   A N9    1 
ATOM   31  C C8    . G   A 1 2  ? 12.310  0.044   8.495   1.00 11.99 ? 102 G   A C8    1 
ATOM   32  N N7    . G   A 1 2  ? 12.522  0.850   7.485   1.00 11.99 ? 102 G   A N7    1 
ATOM   33  C C5    . G   A 1 2  ? 12.229  2.121   7.944   1.00 10.21 ? 102 G   A C5    1 
ATOM   34  C C6    . G   A 1 2  ? 12.271  3.400   7.320   1.00 9.63  ? 102 G   A C6    1 
ATOM   35  O O6    . G   A 1 2  ? 12.606  3.645   6.136   1.00 10.99 ? 102 G   A O6    1 
ATOM   36  N N1    . G   A 1 2  ? 11.887  4.414   8.173   1.00 10.48 ? 102 G   A N1    1 
ATOM   37  C C2    . G   A 1 2  ? 11.498  4.236   9.492   1.00 10.44 ? 102 G   A C2    1 
ATOM   38  N N2    . G   A 1 2  ? 11.147  5.309   10.218  1.00 12.05 ? 102 G   A N2    1 
ATOM   39  N N3    . G   A 1 2  ? 11.457  3.065   10.089  1.00 11.04 ? 102 G   A N3    1 
ATOM   40  C C4    . G   A 1 2  ? 11.831  2.062   9.269   1.00 10.55 ? 102 G   A C4    1 
ATOM   41  P P     . C   A 1 3  ? 7.259   -1.728  10.718  1.00 14.04 ? 103 C   A P     1 
ATOM   42  O OP1   . C   A 1 3  ? 6.335   -2.454  11.608  1.00 16.65 ? 103 C   A OP1   1 
ATOM   43  O OP2   . C   A 1 3  ? 7.451   -2.051  9.297   1.00 15.47 ? 103 C   A OP2   1 
ATOM   44  O "O5'" . C   A 1 3  ? 6.869   -0.183  10.790  1.00 11.97 ? 103 C   A "O5'" 1 
ATOM   45  C "C5'" . C   A 1 3  ? 6.597   0.428   12.070  1.00 12.95 ? 103 C   A "C5'" 1 
ATOM   46  C "C4'" . C   A 1 3  ? 6.404   1.911   11.894  1.00 10.89 ? 103 C   A "C4'" 1 
ATOM   47  O "O4'" . C   A 1 3  ? 7.622   2.529   11.399  1.00 10.50 ? 103 C   A "O4'" 1 
ATOM   48  C "C3'" . C   A 1 3  ? 5.361   2.329   10.872  1.00 10.25 ? 103 C   A "C3'" 1 
ATOM   49  O "O3'" . C   A 1 3  ? 4.050   2.188   11.378  1.00 11.31 ? 103 C   A "O3'" 1 
ATOM   50  C "C2'" . C   A 1 3  ? 5.748   3.774   10.608  1.00 9.82  ? 103 C   A "C2'" 1 
ATOM   51  O "O2'" . C   A 1 3  ? 5.373   4.637   11.686  1.00 10.68 ? 103 C   A "O2'" 1 
ATOM   52  C "C1'" . C   A 1 3  ? 7.257   3.646   10.554  1.00 9.64  ? 103 C   A "C1'" 1 
ATOM   53  N N1    . C   A 1 3  ? 7.845   3.386   9.226   1.00 9.17  ? 103 C   A N1    1 
ATOM   54  C C2    . C   A 1 3  ? 8.056   4.501   8.408   1.00 8.80  ? 103 C   A C2    1 
ATOM   55  O O2    . C   A 1 3  ? 7.745   5.603   8.839   1.00 9.21  ? 103 C   A O2    1 
ATOM   56  N N3    . C   A 1 3  ? 8.604   4.330   7.174   1.00 8.65  ? 103 C   A N3    1 
ATOM   57  C C4    . C   A 1 3  ? 8.909   3.123   6.760   1.00 9.12  ? 103 C   A C4    1 
ATOM   58  N N4    . C   A 1 3  ? 9.446   2.922   5.532   1.00 9.70  ? 103 C   A N4    1 
ATOM   59  C C5    . C   A 1 3  ? 8.698   1.957   7.553   1.00 9.62  ? 103 C   A C5    1 
ATOM   60  C C6    . C   A 1 3  ? 8.165   2.151   8.781   1.00 10.06 ? 103 C   A C6    1 
ATOM   61  P P     . G   A 1 4  ? 2.878   1.409   10.624  1.00 12.15 ? 104 G   A P     1 
ATOM   62  O OP1   . G   A 1 4  ? 2.040   0.808   11.692  1.00 14.08 ? 104 G   A OP1   1 
ATOM   63  O OP2   . G   A 1 4  ? 3.417   0.527   9.592   1.00 14.31 ? 104 G   A OP2   1 
ATOM   64  O "O5'" . G   A 1 4  ? 2.053   2.519   9.838   1.00 11.25 ? 104 G   A "O5'" 1 
ATOM   65  C "C5'" . G   A 1 4  ? 1.348   3.497   10.640  1.00 11.27 ? 104 G   A "C5'" 1 
ATOM   66  C "C4'" . G   A 1 4  ? 1.405   4.824   9.928   1.00 9.86  ? 104 G   A "C4'" 1 
ATOM   67  O "O4'" . G   A 1 4  ? 2.764   5.279   9.861   1.00 10.01 ? 104 G   A "O4'" 1 
ATOM   68  C "C3'" . G   A 1 4  ? 0.946   4.825   8.463   1.00 10.84 ? 104 G   A "C3'" 1 
ATOM   69  O "O3'" A G   A 1 4  ? -0.440  5.190   8.460   0.51 10.06 ? 104 G   A "O3'" 1 
ATOM   70  O "O3'" B G   A 1 4  ? -0.453  4.737   8.356   0.49 11.24 ? 104 G   A "O3'" 1 
ATOM   71  O "O2'" . G   A 1 4  ? 0.811   7.485   8.781   1.00 12.21 ? 104 G   A "O2'" 1 
ATOM   72  C "C1'" . G   A 1 4  ? 3.006   6.026   8.699   1.00 9.52  ? 104 G   A "C1'" 1 
ATOM   73  N N9    . G   A 1 4  ? 3.855   5.359   7.769   1.00 9.60  ? 104 G   A N9    1 
ATOM   74  C C8    . G   A 1 4  ? 4.190   4.035   7.708   1.00 9.79  ? 104 G   A C8    1 
ATOM   75  N N7    . G   A 1 4  ? 5.002   3.776   6.714   1.00 9.34  ? 104 G   A N7    1 
ATOM   76  C C5    . G   A 1 4  ? 5.200   4.986   6.101   1.00 8.90  ? 104 G   A C5    1 
ATOM   77  C C6    . G   A 1 4  ? 5.994   5.343   4.946   1.00 8.98  ? 104 G   A C6    1 
ATOM   78  O O6    . G   A 1 4  ? 6.677   4.577   4.263   1.00 8.98  ? 104 G   A O6    1 
ATOM   79  N N1    . G   A 1 4  ? 5.886   6.689   4.689   1.00 9.14  ? 104 G   A N1    1 
ATOM   80  C C2    . G   A 1 4  ? 5.179   7.597   5.362   1.00 10.67 ? 104 G   A C2    1 
ATOM   81  N N2    . G   A 1 4  ? 5.251   8.860   4.901   1.00 13.89 ? 104 G   A N2    1 
ATOM   82  N N3    . G   A 1 4  ? 4.441   7.289   6.432   1.00 10.05 ? 104 G   A N3    1 
ATOM   83  C C4    . G   A 1 4  ? 4.519   5.990   6.713   1.00 8.82  ? 104 G   A C4    1 
ATOM   84  P P     A A   A 1 5  ? -1.344  4.828   7.177   0.51 11.33 ? 105 A   A P     1 
ATOM   85  P P     B A   A 1 5  ? -1.096  4.276   6.951   0.49 12.07 ? 105 A   A P     1 
ATOM   86  O OP1   A A   A 1 5  ? -2.782  5.088   7.442   0.51 14.08 ? 105 A   A OP1   1 
ATOM   87  O OP1   B A   A 1 5  ? -2.560  4.311   7.169   0.49 14.25 ? 105 A   A OP1   1 
ATOM   88  O OP2   A A   A 1 5  ? -0.923  3.498   6.689   0.51 11.24 ? 105 A   A OP2   1 
ATOM   89  O OP2   B A   A 1 5  ? -0.469  2.992   6.552   0.49 14.58 ? 105 A   A OP2   1 
ATOM   90  O "O5'" A A   A 1 5  ? -0.818  5.863   6.093   0.51 11.52 ? 105 A   A "O5'" 1 
ATOM   91  O "O5'" B A   A 1 5  ? -0.610  5.372   5.914   0.49 11.51 ? 105 A   A "O5'" 1 
ATOM   92  C "C5'" A A   A 1 5  ? -1.155  7.245   6.340   0.51 12.59 ? 105 A   A "C5'" 1 
ATOM   93  C "C5'" B A   A 1 5  ? -1.014  6.753   5.929   0.49 12.46 ? 105 A   A "C5'" 1 
ATOM   94  C "C4'" A A   A 1 5  ? -0.692  8.010   5.133   0.51 10.64 ? 105 A   A "C4'" 1 
ATOM   95  C "C4'" B A   A 1 5  ? -0.404  7.532   4.793   0.49 12.23 ? 105 A   A "C4'" 1 
ATOM   96  O "O4'" A A   A 1 5  ? 0.759   7.957   5.075   0.51 10.12 ? 105 A   A "O4'" 1 
ATOM   97  O "O4'" B A   A 1 5  ? 1.053   7.449   4.861   0.49 13.27 ? 105 A   A "O4'" 1 
ATOM   98  C "C3'" A A   A 1 5  ? -1.155  7.478   3.787   0.51 10.76 ? 105 A   A "C3'" 1 
ATOM   99  C "C3'" B A   A 1 5  ? -0.714  7.072   3.377   0.49 12.85 ? 105 A   A "C3'" 1 
ATOM   100 O "O3'" A A   A 1 5  ? -2.500  7.839   3.536   0.51 11.04 ? 105 A   A "O3'" 1 
ATOM   101 O "O3'" B A   A 1 5  ? -1.986  7.482   2.921   0.49 13.85 ? 105 A   A "O3'" 1 
ATOM   102 C "C2'" A A   A 1 5  ? -0.128  8.139   2.884   0.51 10.70 ? 105 A   A "C2'" 1 
ATOM   103 C "C2'" B A   A 1 5  ? 0.404   7.733   2.584   0.49 12.17 ? 105 A   A "C2'" 1 
ATOM   104 O "O2'" A A   A 1 5  ? -0.441  9.529   2.769   0.51 12.85 ? 105 A   A "O2'" 1 
ATOM   105 O "O2'" B A   A 1 5  ? 0.132   9.110   2.382   0.49 15.85 ? 105 A   A "O2'" 1 
ATOM   106 C "C1'" A A   A 1 5  ? 1.149   8.028   3.709   0.51 10.07 ? 105 A   A "C1'" 1 
ATOM   107 C "C1'" B A   A 1 5  ? 1.578   7.571   3.538   0.49 12.35 ? 105 A   A "C1'" 1 
ATOM   108 N N9    A A   A 1 5  ? 1.960   6.835   3.407   0.51 9.59  ? 105 A   A N9    1 
ATOM   109 N N9    B A   A 1 5  ? 2.388   6.375   3.291   0.49 10.74 ? 105 A   A N9    1 
ATOM   110 C C8    A A   A 1 5  ? 2.058   5.670   4.122   0.51 9.20  ? 105 A   A C8    1 
ATOM   111 C C8    B A   A 1 5  ? 2.436   5.232   4.057   0.49 10.63 ? 105 A   A C8    1 
ATOM   112 N N7    A A   A 1 5  ? 2.874   4.780   3.589   0.51 7.76  ? 105 A   A N7    1 
ATOM   113 N N7    B A   A 1 5  ? 3.253   4.311   3.606   0.49 11.52 ? 105 A   A N7    1 
ATOM   114 C C5    A A   A 1 5  ? 3.345   5.406   2.441   0.51 7.59  ? 105 A   A C5    1 
ATOM   115 C C5    B A   A 1 5  ? 3.783   4.887   2.456   0.49 8.82  ? 105 A   A C5    1 
ATOM   116 C C6    A A   A 1 5  ? 4.246   4.955   1.463   0.51 8.84  ? 105 A   A C6    1 
ATOM   117 C C6    B A   A 1 5  ? 4.729   4.370   1.540   0.49 7.20  ? 105 A   A C6    1 
ATOM   118 N N6    A A   A 1 5  ? 4.842   3.757   1.477   0.51 8.47  ? 105 A   A N6    1 
ATOM   119 N N6    B A   A 1 5  ? 5.297   3.171   1.626   0.49 8.56  ? 105 A   A N6    1 
ATOM   120 N N1    A A   A 1 5  ? 4.510   5.802   0.449   0.51 9.44  ? 105 A   A N1    1 
ATOM   121 N N1    B A   A 1 5  ? 5.036   5.189   0.523   0.49 9.46  ? 105 A   A N1    1 
ATOM   122 C C2    A A   A 1 5  ? 3.896   6.984   0.474   0.51 8.77  ? 105 A   A C2    1 
ATOM   123 C C2    B A   A 1 5  ? 4.455   6.405   0.433   0.49 8.89  ? 105 A   A C2    1 
ATOM   124 N N3    A A   A 1 5  ? 3.037   7.518   1.331   0.51 9.52  ? 105 A   A N3    1 
ATOM   125 N N3    B A   A 1 5  ? 3.567   6.970   1.241   0.49 10.33 ? 105 A   A N3    1 
ATOM   126 C C4    A A   A 1 5  ? 2.789   6.663   2.324   0.51 8.08  ? 105 A   A C4    1 
ATOM   127 C C4    B A   A 1 5  ? 3.264   6.143   2.257   0.49 8.34  ? 105 A   A C4    1 
ATOM   128 P P     A A   A 1 6  ? -3.486  6.919   2.679   0.50 10.82 ? 106 A   A P     1 
ATOM   129 P P     B A   A 1 6  ? -2.812  6.624   1.855   0.50 15.48 ? 106 A   A P     1 
ATOM   130 O OP1   A A   A 1 6  ? -4.879  7.380   2.903   0.50 14.44 ? 106 A   A OP1   1 
ATOM   131 O OP1   B A   A 1 6  ? -4.133  7.284   1.783   0.50 19.63 ? 106 A   A OP1   1 
ATOM   132 O OP2   A A   A 1 6  ? -3.158  5.490   2.886   0.50 12.67 ? 106 A   A OP2   1 
ATOM   133 O OP2   B A   A 1 6  ? -2.673  5.180   2.153   0.50 15.59 ? 106 A   A OP2   1 
ATOM   134 O "O5'" A A   A 1 6  ? -3.019  7.206   1.186   0.50 11.11 ? 106 A   A "O5'" 1 
ATOM   135 O "O5'" B A   A 1 6  ? -2.083  6.883   0.463   0.50 17.37 ? 106 A   A "O5'" 1 
ATOM   136 C "C5'" A A   A 1 6  ? -3.181  8.529   0.622   0.50 13.35 ? 106 A   A "C5'" 1 
ATOM   137 C "C5'" B A   A 1 6  ? -2.193  8.157   -0.201  0.50 17.77 ? 106 A   A "C5'" 1 
ATOM   138 C "C4'" A A   A 1 6  ? -2.429  8.559   -0.690  0.50 11.68 ? 106 A   A "C4'" 1 
ATOM   139 C "C4'" B A   A 1 6  ? -1.305  8.194   -1.415  0.50 15.00 ? 106 A   A "C4'" 1 
ATOM   140 O "O4'" A A   A 1 6  ? -1.018  8.429   -0.394  0.50 11.26 ? 106 A   A "O4'" 1 
ATOM   141 O "O4'" B A   A 1 6  ? 0.077   8.102   -0.963  0.50 14.90 ? 106 A   A "O4'" 1 
ATOM   142 C "C3'" A A   A 1 6  ? -2.708  7.444   -1.680  0.50 10.32 ? 106 A   A "C3'" 1 
ATOM   143 C "C3'" B A   A 1 6  ? -1.464  7.068   -2.425  0.50 14.46 ? 106 A   A "C3'" 1 
ATOM   144 O "O3'" A A   A 1 6  ? -3.863  7.704   -2.451  0.50 10.73 ? 106 A   A "O3'" 1 
ATOM   145 O "O3'" B A   A 1 6  ? -2.498  7.354   -3.332  0.50 12.74 ? 106 A   A "O3'" 1 
ATOM   146 C "C2'" A A   A 1 6  ? -1.445  7.447   -2.522  0.50 10.52 ? 106 A   A "C2'" 1 
ATOM   147 C "C2'" B A   A 1 6  ? -0.084  7.012   -3.069  0.50 13.39 ? 106 A   A "C2'" 1 
ATOM   148 O "O2'" A A   A 1 6  ? -1.386  8.542   -3.409  0.50 12.14 ? 106 A   A "O2'" 1 
ATOM   149 O "O2'" B A   A 1 6  ? 0.261   7.984   -4.046  0.50 15.73 ? 106 A   A "O2'" 1 
ATOM   150 C "C1'" A A   A 1 6  ? -0.417  7.662   -1.426  0.50 10.50 ? 106 A   A "C1'" 1 
ATOM   151 C "C1'" B A   A 1 6  ? 0.746   7.183   -1.813  0.50 13.51 ? 106 A   A "C1'" 1 
ATOM   152 N N9    A A   A 1 6  ? 0.006   6.422   -0.805  0.50 9.60  ? 106 A   A N9    1 
ATOM   153 N N9    B A   A 1 6  ? 0.882   5.987   -0.983  0.50 13.34 ? 106 A   A N9    1 
ATOM   154 C C8    A A   A 1 6  ? -0.488  5.805   0.311   0.50 9.85  ? 106 A   A C8    1 
ATOM   155 C C8    B A   A 1 6  ? 0.318   5.458   0.133   0.50 13.90 ? 106 A   A C8    1 
ATOM   156 N N7    A A   A 1 6  ? 0.141   4.696   0.584   0.50 11.92 ? 106 A   A N7    1 
ATOM   157 N N7    B A   A 1 6  ? 0.846   4.291   0.468   0.50 12.83 ? 106 A   A N7    1 
ATOM   158 C C5    A A   A 1 6  ? 1.089   4.587   -0.407  0.50 9.31  ? 106 A   A C5    1 
ATOM   159 C C5    B A   A 1 6  ? 1.797   4.077   -0.488  0.50 13.47 ? 106 A   A C5    1 
ATOM   160 C C6    A A   A 1 6  ? 2.092   3.658   -0.729  0.50 8.61  ? 106 A   A C6    1 
ATOM   161 C C6    B A   A 1 6  ? 2.728   3.067   -0.764  0.50 12.05 ? 106 A   A C6    1 
ATOM   162 N N6    A A   A 1 6  ? 2.286   2.564   0.026   0.50 12.31 ? 106 A   A N6    1 
ATOM   163 N N6    B A   A 1 6  ? 2.991   1.932   -0.141  0.50 10.19 ? 106 A   A N6    1 
ATOM   164 N N1    A A   A 1 6  ? 2.850   3.893   -1.814  0.50 18.65 ? 106 A   A N1    1 
ATOM   165 N N1    B A   A 1 6  ? 3.366   3.436   -1.844  0.50 13.42 ? 106 A   A N1    1 
ATOM   166 C C2    A A   A 1 6  ? 2.673   4.973   -2.575  0.50 10.19 ? 106 A   A C2    1 
ATOM   167 C C2    B A   A 1 6  ? 3.348   4.440   -2.660  0.50 14.37 ? 106 A   A C2    1 
ATOM   168 N N3    A A   A 1 6  ? 1.751   5.937   -2.381  0.50 13.49 ? 106 A   A N3    1 
ATOM   169 N N3    B A   A 1 6  ? 2.525   5.459   -2.516  0.50 19.32 ? 106 A   A N3    1 
ATOM   170 C C4    A A   A 1 6  ? 1.032   5.649   -1.294  0.50 9.01  ? 106 A   A C4    1 
ATOM   171 C C4    B A   A 1 6  ? 1.844   5.109   -1.404  0.50 13.79 ? 106 A   A C4    1 
ATOM   172 P P     A U   A 1 7  ? -4.769  6.503   -2.987  0.53 11.26 ? 107 U   A P     1 
ATOM   173 P P     B U   A 1 7  ? -3.390  6.201   -3.988  0.47 13.12 ? 107 U   A P     1 
ATOM   174 O OP1   A U   A 1 7  ? -6.021  7.155   -3.486  0.53 13.13 ? 107 U   A OP1   1 
ATOM   175 O OP1   B U   A 1 7  ? -4.416  6.880   -4.832  0.47 15.81 ? 107 U   A OP1   1 
ATOM   176 O OP2   A U   A 1 7  ? -4.911  5.445   -1.962  0.53 11.60 ? 107 U   A OP2   1 
ATOM   177 O OP2   B U   A 1 7  ? -3.854  5.271   -2.945  0.47 14.85 ? 107 U   A OP2   1 
ATOM   178 O "O5'" A U   A 1 7  ? -3.942  5.878   -4.182  0.53 12.00 ? 107 U   A "O5'" 1 
ATOM   179 O "O5'" B U   A 1 7  ? -2.360  5.484   -4.967  0.47 12.04 ? 107 U   A "O5'" 1 
ATOM   180 C "C5'" A U   A 1 7  ? -3.597  6.689   -5.325  0.53 11.19 ? 107 U   A "C5'" 1 
ATOM   181 C "C5'" B U   A 1 7  ? -1.840  6.262   -6.069  0.47 12.95 ? 107 U   A "C5'" 1 
ATOM   182 C "C4'" A U   A 1 7  ? -2.615  5.934   -6.169  0.53 11.17 ? 107 U   A "C4'" 1 
ATOM   183 C "C4'" B U   A 1 7  ? -0.755  5.456   -6.740  0.47 11.78 ? 107 U   A "C4'" 1 
ATOM   184 O "O4'" A U   A 1 7  ? -1.369  5.755   -5.454  0.53 12.98 ? 107 U   A "O4'" 1 
ATOM   185 O "O4'" B U   A 1 7  ? 0.313   5.213   -5.796  0.47 10.72 ? 107 U   A "O4'" 1 
ATOM   186 C "C3'" A U   A 1 7  ? -3.005  4.510   -6.520  0.53 10.40 ? 107 U   A "C3'" 1 
ATOM   187 C "C3'" B U   A 1 7  ? -1.142  4.068   -7.223  0.47 10.54 ? 107 U   A "C3'" 1 
ATOM   188 O "O3'" A U   A 1 7  ? -3.895  4.477   -7.599  0.53 11.11 ? 107 U   A "O3'" 1 
ATOM   189 O "O3'" B U   A 1 7  ? -1.801  4.152   -8.469  0.47 11.67 ? 107 U   A "O3'" 1 
ATOM   190 C "C2'" A U   A 1 7  ? -1.663  3.873   -6.861  0.53 9.49  ? 107 U   A "C2'" 1 
ATOM   191 C "C2'" B U   A 1 7  ? 0.195   3.366   -7.301  0.47 9.89  ? 107 U   A "C2'" 1 
ATOM   192 O "O2'" A U   A 1 7  ? -1.219  4.357   -8.148  0.53 12.91 ? 107 U   A "O2'" 1 
ATOM   193 O "O2'" B U   A 1 7  ? 0.917   3.756   -8.501  0.47 12.49 ? 107 U   A "O2'" 1 
ATOM   194 C "C1'" A U   A 1 7  ? -0.801  4.497   -5.772  0.53 12.02 ? 107 U   A "C1'" 1 
ATOM   195 C "C1'" B U   A 1 7  ? 0.854   3.913   -6.045  0.47 11.36 ? 107 U   A "C1'" 1 
ATOM   196 N N1    A U   A 1 7  ? -0.745  3.696   -4.531  0.53 10.77 ? 107 U   A N1    1 
ATOM   197 N N1    B U   A 1 7  ? 0.616   3.137   -4.822  0.47 10.52 ? 107 U   A N1    1 
ATOM   198 C C2    A U   A 1 7  ? 0.195   2.677   -4.515  0.53 10.88 ? 107 U   A C2    1 
ATOM   199 C C2    B U   A 1 7  ? 1.426   2.018   -4.638  0.47 11.17 ? 107 U   A C2    1 
ATOM   200 O O2    A U   A 1 7  ? 0.917   2.469   -5.472  0.53 12.45 ? 107 U   A O2    1 
ATOM   201 O O2    B U   A 1 7  ? 2.276   1.691   -5.444  0.47 11.11 ? 107 U   A O2    1 
ATOM   202 N N3    A U   A 1 7  ? 0.228   1.950   -3.353  0.53 12.00 ? 107 U   A N3    1 
ATOM   203 N N3    B U   A 1 7  ? 1.134   1.378   -3.492  0.47 10.44 ? 107 U   A N3    1 
ATOM   204 C C4    A U   A 1 7  ? -0.574  2.152   -2.239  0.53 8.58  ? 107 U   A C4    1 
ATOM   205 C C4    B U   A 1 7  ? 0.234   1.600   -2.498  0.47 9.91  ? 107 U   A C4    1 
ATOM   206 O O4    A U   A 1 7  ? -0.424  1.414   -1.263  0.53 11.92 ? 107 U   A O4    1 
ATOM   207 O O4    B U   A 1 7  ? 0.169   0.849   -1.531  0.47 9.55  ? 107 U   A O4    1 
ATOM   208 C C5    A U   A 1 7  ? -1.503  3.212   -2.335  0.53 9.95  ? 107 U   A C5    1 
ATOM   209 C C5    B U   A 1 7  ? -0.568  2.771   -2.739  0.47 10.33 ? 107 U   A C5    1 
ATOM   210 C C6    A U   A 1 7  ? -1.562  3.943   -3.465  0.53 10.23 ? 107 U   A C6    1 
ATOM   211 C C6    B U   A 1 7  ? -0.320  3.456   -3.886  0.47 10.38 ? 107 U   A C6    1 
ATOM   212 P P     A U   A 1 8  ? -4.961  3.284   -7.739  0.51 12.10 ? 108 U   A P     1 
ATOM   213 P P     B U   A 1 8  ? -2.964  3.118   -8.818  0.49 12.82 ? 108 U   A P     1 
ATOM   214 O OP1   A U   A 1 8  ? -5.841  3.735   -8.833  0.51 13.78 ? 108 U   A OP1   1 
ATOM   215 O OP1   B U   A 1 8  ? -3.511  3.547   -10.131 0.49 17.50 ? 108 U   A OP1   1 
ATOM   216 O OP2   A U   A 1 8  ? -5.418  2.965   -6.361  0.51 14.92 ? 108 U   A OP2   1 
ATOM   217 O OP2   B U   A 1 8  ? -3.949  2.901   -7.724  0.49 13.52 ? 108 U   A OP2   1 
ATOM   218 O "O5'" A U   A 1 8  ? -4.038  2.070   -8.185  0.51 11.41 ? 108 U   A "O5'" 1 
ATOM   219 O "O5'" B U   A 1 8  ? -2.212  1.740   -9.025  0.49 12.75 ? 108 U   A "O5'" 1 
ATOM   220 C "C5'" A U   A 1 8  ? -3.391  2.032   -9.471  0.51 10.97 ? 108 U   A "C5'" 1 
ATOM   221 C "C5'" B U   A 1 8  ? -1.437  1.565   -10.232 0.49 15.13 ? 108 U   A "C5'" 1 
ATOM   222 C "C4'" A U   A 1 8  ? -2.462  0.850   -9.490  0.51 12.63 ? 108 U   A "C4'" 1 
ATOM   223 C "C4'" B U   A 1 8  ? -0.770  0.233   -10.099 0.49 13.53 ? 108 U   A "C4'" 1 
ATOM   224 O "O4'" A U   A 1 8  ? -1.458  0.927   -8.452  0.51 11.83 ? 108 U   A "O4'" 1 
ATOM   225 O "O4'" B U   A 1 8  ? 0.129   0.294   -8.958  0.49 14.46 ? 108 U   A "O4'" 1 
ATOM   226 C "C3'" A U   A 1 8  ? -3.139  -0.492  -9.211  0.51 12.32 ? 108 U   A "C3'" 1 
ATOM   227 C "C3'" B U   A 1 8  ? -1.659  -0.964  -9.790  0.49 13.56 ? 108 U   A "C3'" 1 
ATOM   228 O "O3'" A U   A 1 8  ? -3.905  -0.897  -10.328 0.51 12.25 ? 108 U   A "O3'" 1 
ATOM   229 O "O3'" B U   A 1 8  ? -2.403  -1.406  -10.899 0.49 15.46 ? 108 U   A "O3'" 1 
ATOM   230 C "C2'" A U   A 1 8  ? -1.929  -1.351  -8.900  0.51 12.22 ? 108 U   A "C2'" 1 
ATOM   231 C "C2'" B U   A 1 8  ? -0.583  -1.945  -9.331  0.49 13.68 ? 108 U   A "C2'" 1 
ATOM   232 O "O2'" A U   A 1 8  ? -1.217  -1.702  -10.074 0.51 15.21 ? 108 U   A "O2'" 1 
ATOM   233 O "O2'" B U   A 1 8  ? 0.246   -2.426  -10.373 0.49 17.23 ? 108 U   A "O2'" 1 
ATOM   234 C "C1'" A U   A 1 8  ? -1.124  -0.390  -8.037  0.51 11.43 ? 108 U   A "C1'" 1 
ATOM   235 C "C1'" B U   A 1 8  ? 0.215   -1.012  -8.418  0.49 13.42 ? 108 U   A "C1'" 1 
ATOM   236 N N1    A U   A 1 8  ? -1.422  -0.470  -6.596  0.51 10.99 ? 108 U   A N1    1 
ATOM   237 N N1    B U   A 1 8  ? -0.295  -0.973  -7.037  0.49 11.17 ? 108 U   A N1    1 
ATOM   238 C C2    A U   A 1 8  ? -0.769  -1.418  -5.852  0.51 9.67  ? 108 U   A C2    1 
ATOM   239 C C2    B U   A 1 8  ? 0.186   -1.973  -6.211  0.49 14.00 ? 108 U   A C2    1 
ATOM   240 O O2    A U   A 1 8  ? 0.040   -2.199  -6.303  0.51 10.83 ? 108 U   A O2    1 
ATOM   241 O O2    B U   A 1 8  ? 0.982   -2.801  -6.638  0.49 12.55 ? 108 U   A O2    1 
ATOM   242 N N3    A U   A 1 8  ? -1.093  -1.439  -4.507  0.51 9.80  ? 108 U   A N3    1 
ATOM   243 N N3    B U   A 1 8  ? -0.263  -1.948  -4.932  0.49 8.99  ? 108 U   A N3    1 
ATOM   244 C C4    A U   A 1 8  ? -1.991  -0.609  -3.872  0.51 9.56  ? 108 U   A C4    1 
ATOM   245 C C4    B U   A 1 8  ? -1.157  -1.053  -4.373  0.49 9.62  ? 108 U   A C4    1 
ATOM   246 O O4    A U   A 1 8  ? -2.178  -0.747  -2.661  0.51 9.08  ? 108 U   A O4    1 
ATOM   247 O O4    B U   A 1 8  ? -1.473  -1.178  -3.186  0.49 9.28  ? 108 U   A O4    1 
ATOM   248 C C5    A U   A 1 8  ? -2.631  0.352   -4.713  0.51 10.16 ? 108 U   A C5    1 
ATOM   249 C C5    B U   A 1 8  ? -1.613  -0.054  -5.288  0.49 11.06 ? 108 U   A C5    1 
ATOM   250 C C6    A U   A 1 8  ? -2.332  0.388   -6.019  0.51 10.09 ? 108 U   A C6    1 
ATOM   251 C C6    B U   A 1 8  ? -1.169  -0.057  -6.561  0.49 10.83 ? 108 U   A C6    1 
HETATM 252 P P     A A2M A 1 9  ? -5.212  -1.794  -10.120 0.48 13.16 ? 109 A2M A P     1 
HETATM 253 P P     B A2M A 1 9  ? -3.946  -1.811  -10.814 0.52 16.25 ? 109 A2M A P     1 
HETATM 254 O OP1   A A2M A 1 9  ? -5.977  -1.721  -11.385 0.48 15.81 ? 109 A2M A OP1   1 
HETATM 255 O OP1   B A2M A 1 9  ? -4.461  -1.914  -12.213 0.52 18.99 ? 109 A2M A OP1   1 
HETATM 256 O "O5'" A A2M A 1 9  ? -4.688  -3.271  -9.837  0.48 12.97 ? 109 A2M A "O5'" 1 
HETATM 257 O "O5'" B A2M A 1 9  ? -3.925  -3.310  -10.287 0.52 17.18 ? 109 A2M A "O5'" 1 
HETATM 258 C "C5'" A A2M A 1 9  ? -3.812  -3.957  -10.745 0.48 14.91 ? 109 A2M A "C5'" 1 
HETATM 259 C "C5'" B A2M A 1 9  ? -3.579  -4.368  -11.204 0.52 15.65 ? 109 A2M A "C5'" 1 
HETATM 260 C "C4'" A A2M A 1 9  ? -3.177  -5.238  -10.283 0.48 13.38 ? 109 A2M A "C4'" 1 
HETATM 261 C "C4'" B A2M A 1 9  ? -3.030  -5.476  -10.355 0.52 13.79 ? 109 A2M A "C4'" 1 
HETATM 262 O "O4'" A A2M A 1 9  ? -1.988  -4.924  -9.485  0.48 14.32 ? 109 A2M A "O4'" 1 
HETATM 263 O "O4'" B A2M A 1 9  ? -1.975  -4.941  -9.501  0.52 14.02 ? 109 A2M A "O4'" 1 
HETATM 264 C "C3'" . A2M A 1 9  ? -3.997  -6.158  -9.376  1.00 12.09 ? 109 A2M A "C3'" 1 
HETATM 265 O "O3'" A A2M A 1 9  ? -4.950  -6.988  -10.075 0.48 12.36 ? 109 A2M A "O3'" 1 
HETATM 266 O "O3'" B A2M A 1 9  ? -4.991  -6.902  -10.045 0.52 12.51 ? 109 A2M A "O3'" 1 
HETATM 267 C "C2'" . A2M A 1 9  ? -2.896  -6.924  -8.622  1.00 12.44 ? 109 A2M A "C2'" 1 
HETATM 268 O "O2'" . A2M A 1 9  ? -2.392  -7.956  -9.389  1.00 11.00 ? 109 A2M A "O2'" 1 
HETATM 269 C "C1'" . A2M A 1 9  ? -1.871  -5.792  -8.397  1.00 12.72 ? 109 A2M A "C1'" 1 
HETATM 270 C "CM'" . A2M A 1 9  ? -1.610  -8.880  -8.647  1.00 12.82 ? 109 A2M A "CM'" 1 
HETATM 271 N N9    . A2M A 1 9  ? -2.252  -5.176  -7.163  1.00 12.82 ? 109 A2M A N9    1 
HETATM 272 C C8    . A2M A 1 9  ? -2.997  -4.045  -7.006  1.00 12.84 ? 109 A2M A C8    1 
HETATM 273 N N7    . A2M A 1 9  ? -3.227  -3.669  -5.775  1.00 11.71 ? 109 A2M A N7    1 
HETATM 274 C C5    A A2M A 1 9  ? -2.564  -4.660  -5.052  0.48 10.27 ? 109 A2M A C5    1 
HETATM 275 C C5    B A2M A 1 9  ? -2.564  -4.660  -5.054  0.52 10.34 ? 109 A2M A C5    1 
HETATM 276 C C6    . A2M A 1 9  ? -2.406  -4.867  -3.648  1.00 8.89  ? 109 A2M A C6    1 
HETATM 277 N N6    . A2M A 1 9  ? -2.931  -4.048  -2.726  1.00 10.06 ? 109 A2M A N6    1 
HETATM 278 N N1    . A2M A 1 9  ? -1.692  -5.949  -3.297  1.00 9.31  ? 109 A2M A N1    1 
HETATM 279 C C2    . A2M A 1 9  ? -1.152  -6.785  -4.196  1.00 10.19 ? 109 A2M A C2    1 
HETATM 280 N N3    . A2M A 1 9  ? -1.241  -6.676  -5.535  1.00 11.52 ? 109 A2M A N3    1 
HETATM 281 C C4    . A2M A 1 9  ? -1.958  -5.598  -5.858  1.00 10.43 ? 109 A2M A C4    1 
HETATM 282 O OP2   A A2M A 1 9  ? -5.866  -1.338  -8.862  0.48 13.86 ? 109 A2M A OP2   1 
HETATM 283 O OP2   B A2M A 1 9  ? -4.672  -0.986  -9.830  0.52 18.54 ? 109 A2M A OP2   1 
HETATM 284 P P     . 2SG A 1 10 ? -6.368  -7.412  -9.418  1.00 13.46 ? 110 2SG A P     1 
HETATM 285 S SP1   . 2SG A 1 10 ? -7.185  -5.903  -8.498  1.00 18.75 ? 110 2SG A SP1   1 
HETATM 286 S SP2   . 2SG A 1 10 ? -7.303  -8.329  -10.830 1.00 14.20 ? 110 2SG A SP2   1 
HETATM 287 O "O5'" . 2SG A 1 10 ? -5.919  -8.384  -8.232  1.00 13.64 ? 110 2SG A "O5'" 1 
HETATM 288 C "C5'" . 2SG A 1 10 ? -5.214  -9.619  -8.497  1.00 12.72 ? 110 2SG A "C5'" 1 
HETATM 289 C "C4'" . 2SG A 1 10 ? -4.806  -10.224 -7.172  1.00 11.25 ? 110 2SG A "C4'" 1 
HETATM 290 C "C3'" . 2SG A 1 10 ? -5.921  -10.555 -6.189  1.00 10.84 ? 110 2SG A "C3'" 1 
HETATM 291 O "O3'" . 2SG A 1 10 ? -6.583  -11.736 -6.581  1.00 11.58 ? 110 2SG A "O3'" 1 
HETATM 292 C "C2'" . 2SG A 1 10 ? -5.133  -10.665 -4.893  1.00 10.94 ? 110 2SG A "C2'" 1 
HETATM 293 O "O2'" . 2SG A 1 10 ? -4.385  -11.876 -4.909  1.00 12.40 ? 110 2SG A "O2'" 1 
HETATM 294 C "C1'" . 2SG A 1 10 ? -4.176  -9.484  -5.055  1.00 10.14 ? 110 2SG A "C1'" 1 
HETATM 295 O "O4'" . 2SG A 1 10 ? -3.976  -9.280  -6.449  1.00 10.04 ? 110 2SG A "O4'" 1 
HETATM 296 N N9    . 2SG A 1 10 ? -4.705  -8.239  -4.492  1.00 9.98  ? 110 2SG A N9    1 
HETATM 297 C C4    . 2SG A 1 10 ? -4.720  -7.913  -3.142  1.00 9.63  ? 110 2SG A C4    1 
HETATM 298 C C5    . 2SG A 1 10 ? -5.291  -6.663  -3.056  1.00 10.14 ? 110 2SG A C5    1 
HETATM 299 N N7    . 2SG A 1 10 ? -5.622  -6.199  -4.317  1.00 10.09 ? 110 2SG A N7    1 
HETATM 300 C C8    . 2SG A 1 10 ? -5.255  -7.172  -5.144  1.00 10.32 ? 110 2SG A C8    1 
HETATM 301 N N3    . 2SG A 1 10 ? -4.291  -8.740  -2.150  1.00 8.68  ? 110 2SG A N3    1 
HETATM 302 C C2    . 2SG A 1 10 ? -4.444  -8.166  -0.950  1.00 8.45  ? 110 2SG A C2    1 
HETATM 303 N N2    . 2SG A 1 10 ? -4.107  -8.890  0.132   1.00 10.04 ? 110 2SG A N2    1 
HETATM 304 N N1    . 2SG A 1 10 ? -4.992  -6.926  -0.778  1.00 8.69  ? 110 2SG A N1    1 
HETATM 305 C C6    . 2SG A 1 10 ? -5.443  -6.077  -1.753  1.00 9.36  ? 110 2SG A C6    1 
HETATM 306 O O6    . 2SG A 1 10 ? -5.894  -4.962  -1.499  1.00 10.77 ? 110 2SG A O6    1 
ATOM   307 P P     . C   A 1 11 ? -8.112  -11.994 -6.190  1.00 12.82 ? 111 C   A P     1 
ATOM   308 O OP1   . C   A 1 11 ? -8.488  -13.300 -6.838  1.00 15.72 ? 111 C   A OP1   1 
ATOM   309 O OP2   . C   A 1 11 ? -8.911  -10.810 -6.482  1.00 13.58 ? 111 C   A OP2   1 
ATOM   310 O "O5'" . C   A 1 11 ? -8.105  -12.204 -4.616  1.00 12.18 ? 111 C   A "O5'" 1 
ATOM   311 C "C5'" . C   A 1 11 ? -7.489  -13.362 -4.011  1.00 13.72 ? 111 C   A "C5'" 1 
ATOM   312 C "C4'" . C   A 1 11 ? -7.400  -13.158 -2.525  1.00 13.19 ? 111 C   A "C4'" 1 
ATOM   313 O "O4'" . C   A 1 11 ? -6.579  -11.980 -2.233  1.00 13.47 ? 111 C   A "O4'" 1 
ATOM   314 C "C3'" . C   A 1 11 ? -8.700  -12.865 -1.784  1.00 13.35 ? 111 C   A "C3'" 1 
ATOM   315 O "O3'" . C   A 1 11 ? -9.496  -14.035 -1.600  1.00 14.30 ? 111 C   A "O3'" 1 
ATOM   316 C "C2'" . C   A 1 11 ? -8.167  -12.280 -0.491  1.00 13.64 ? 111 C   A "C2'" 1 
ATOM   317 O "O2'" . C   A 1 11 ? -7.587  -13.282 0.349   1.00 14.41 ? 111 C   A "O2'" 1 
ATOM   318 C "C1'" . C   A 1 11 ? -7.080  -11.375 -1.043  1.00 12.57 ? 111 C   A "C1'" 1 
ATOM   319 N N1    . C   A 1 11 ? -7.574  -10.025 -1.384  1.00 10.96 ? 111 C   A N1    1 
ATOM   320 C C2    . C   A 1 11 ? -7.691  -9.115  -0.342  1.00 10.52 ? 111 C   A C2    1 
ATOM   321 O O2    . C   A 1 11 ? -7.375  -9.513  0.766   1.00 12.76 ? 111 C   A O2    1 
ATOM   322 N N3    . C   A 1 11 ? -8.134  -7.865  -0.575  1.00 10.56 ? 111 C   A N3    1 
ATOM   323 C C4    . C   A 1 11 ? -8.469  -7.491  -1.817  1.00 10.28 ? 111 C   A C4    1 
ATOM   324 N N4    . C   A 1 11 ? -8.900  -6.252  -1.999  1.00 10.47 ? 111 C   A N4    1 
ATOM   325 C C5    . C   A 1 11 ? -8.356  -8.410  -2.903  1.00 11.43 ? 111 C   A C5    1 
ATOM   326 C C6    . C   A 1 11 ? -7.919  -9.651  -2.648  1.00 10.12 ? 111 C   A C6    1 
ATOM   327 P P     . G   A 1 12 ? -11.095 -13.917 -1.572  1.00 14.97 ? 112 G   A P     1 
ATOM   328 O OP1   . G   A 1 12 ? -11.623 -15.308 -1.511  1.00 17.64 ? 112 G   A OP1   1 
ATOM   329 O OP2   . G   A 1 12 ? -11.510 -13.019 -2.667  1.00 15.85 ? 112 G   A OP2   1 
ATOM   330 O "O5'" . G   A 1 12 ? -11.416 -13.133 -0.223  1.00 13.68 ? 112 G   A "O5'" 1 
ATOM   331 C "C5'" . G   A 1 12 ? -11.023 -13.751 1.021   1.00 14.25 ? 112 G   A "C5'" 1 
ATOM   332 C "C4'" . G   A 1 12 ? -11.273 -12.796 2.157   1.00 13.23 ? 112 G   A "C4'" 1 
ATOM   333 O "O4'" . G   A 1 12 ? -10.482 -11.612 1.980   1.00 13.16 ? 112 G   A "O4'" 1 
ATOM   334 C "C3'" . G   A 1 12 ? -12.693 -12.249 2.280   1.00 12.79 ? 112 G   A "C3'" 1 
ATOM   335 O "O3'" . G   A 1 12 ? -13.556 -13.187 2.886   1.00 15.05 ? 112 G   A "O3'" 1 
ATOM   336 C "C2'" . G   A 1 12 ? -12.482 -11.004 3.118   1.00 13.28 ? 112 G   A "C2'" 1 
ATOM   337 O "O2'" . G   A 1 12 ? -12.278 -11.313 4.509   1.00 15.38 ? 112 G   A "O2'" 1 
ATOM   338 C "C1'" . G   A 1 12 ? -11.169 -10.497 2.551   1.00 12.70 ? 112 G   A "C1'" 1 
ATOM   339 N N9    . G   A 1 12 ? -11.306 -9.501  1.484   1.00 10.18 ? 112 G   A N9    1 
ATOM   340 C C8    . G   A 1 12 ? -11.221 -9.662  0.142   1.00 10.26 ? 112 G   A C8    1 
ATOM   341 N N7    . G   A 1 12 ? -11.399 -8.546  -0.514  1.00 10.61 ? 112 G   A N7    1 
ATOM   342 C C5    . G   A 1 12 ? -11.613 -7.570  0.444   1.00 9.93  ? 112 G   A C5    1 
ATOM   343 C C6    . G   A 1 12 ? -11.857 -6.188  0.373   1.00 8.72  ? 112 G   A C6    1 
ATOM   344 O O6    . G   A 1 12 ? -11.954 -5.440  -0.613  1.00 10.28 ? 112 G   A O6    1 
ATOM   345 N N1    . G   A 1 12 ? -12.017 -5.602  1.636   1.00 8.84  ? 112 G   A N1    1 
ATOM   346 C C2    . G   A 1 12 ? -11.945 -6.298  2.825   1.00 9.16  ? 112 G   A C2    1 
ATOM   347 N N2    . G   A 1 12 ? -12.121 -5.576  3.938   1.00 9.99  ? 112 G   A N2    1 
ATOM   348 N N3    . G   A 1 12 ? -11.708 -7.602  2.908   1.00 9.77  ? 112 G   A N3    1 
ATOM   349 C C4    . G   A 1 12 ? -11.557 -8.157  1.708   1.00 9.51  ? 112 G   A C4    1 
HETATM 350 O O     . HOH B 2 .  ? 1.258   -7.622  -6.732  1.00 23.74 ? 201 HOH A O     1 
HETATM 351 O O     . HOH B 2 .  ? -5.882  10.511  -5.364  1.00 26.84 ? 202 HOH A O     1 
HETATM 352 O O     . HOH B 2 .  ? -4.147  8.103   -9.118  1.00 21.87 ? 203 HOH A O     1 
HETATM 353 O O     . HOH B 2 .  ? -7.303  -4.037  -4.801  1.00 19.90 ? 204 HOH A O     1 
HETATM 354 O O     . HOH B 2 .  ? -8.883  -8.005  -6.370  1.00 17.70 ? 205 HOH A O     1 
HETATM 355 O O     . HOH B 2 .  ? -12.081 -8.550  -3.256  1.00 17.73 ? 206 HOH A O     1 
HETATM 356 O O     . HOH B 2 .  ? -2.777  -11.683 -2.725  1.00 25.69 ? 207 HOH A O     1 
HETATM 357 O O     . HOH B 2 .  ? -3.502  -11.798 -0.204  1.00 18.81 ? 208 HOH A O     1 
HETATM 358 O O     . HOH B 2 .  ? -7.182  -5.486  -12.893 1.00 22.61 ? 209 HOH A O     1 
HETATM 359 O O     . HOH B 2 .  ? 5.893   11.694  3.285   1.00 17.84 ? 210 HOH A O     1 
HETATM 360 O O     . HOH B 2 .  ? 5.041   9.344   8.652   1.00 19.09 ? 211 HOH A O     1 
HETATM 361 O O     . HOH B 2 .  ? 5.844   7.129   10.307  1.00 27.69 ? 212 HOH A O     1 
HETATM 362 O O     . HOH B 2 .  ? 3.058   0.165   14.215  1.00 18.78 ? 213 HOH A O     1 
HETATM 363 O O     . HOH B 2 .  ? 5.459   1.260   5.900   1.00 22.32 ? 214 HOH A O     1 
HETATM 364 O O     . HOH B 2 .  ? 9.093   -1.648  6.999   1.00 17.17 ? 215 HOH A O     1 
HETATM 365 O O     . HOH B 2 .  ? 9.846   0.127   4.673   1.00 19.00 ? 216 HOH A O     1 
HETATM 366 O O     . HOH B 2 .  ? 15.652  -1.593  11.706  1.00 15.42 ? 217 HOH A O     1 
HETATM 367 O O     . HOH B 2 .  ? 3.742   5.772   -7.018  1.00 31.67 ? 218 HOH A O     1 
HETATM 368 O O     . HOH B 2 .  ? -6.532  -14.384 -8.470  1.00 36.31 ? 219 HOH A O     1 
HETATM 369 O O     . HOH B 2 .  ? -7.810  -16.115 0.142   1.00 22.87 ? 220 HOH A O     1 
HETATM 370 O O     . HOH B 2 .  ? -9.586  -5.771  -4.895  1.00 23.59 ? 221 HOH A O     1 
HETATM 371 O O     . HOH B 2 .  ? -11.950 -5.411  -3.284  1.00 22.23 ? 222 HOH A O     1 
HETATM 372 O O     . HOH B 2 .  ? -7.773  -12.142 -12.584 1.00 33.72 ? 223 HOH A O     1 
HETATM 373 O O     . HOH B 2 .  ? -4.049  -2.978  -15.039 1.00 24.62 ? 224 HOH A O     1 
HETATM 374 O O     . HOH B 2 .  ? 3.303   10.899  6.032   1.00 22.88 ? 225 HOH A O     1 
HETATM 375 O O     . HOH B 2 .  ? 1.660   -6.861  -9.410  1.00 19.36 ? 226 HOH A O     1 
HETATM 376 O O     . HOH B 2 .  ? 7.002   1.790   3.731   1.00 25.53 ? 227 HOH A O     1 
HETATM 377 O O     . HOH B 2 .  ? 12.575  0.140   4.770   1.00 22.11 ? 228 HOH A O     1 
HETATM 378 O O     . HOH B 2 .  ? -4.961  -1.836  -4.251  1.00 23.79 ? 229 HOH A O     1 
HETATM 379 O O     . HOH B 2 .  ? 5.408   -0.655  7.855   1.00 21.73 ? 230 HOH A O     1 
HETATM 380 O O     . HOH B 2 .  ? -1.823  1.006   0.673   1.00 28.10 ? 231 HOH A O     1 
HETATM 381 O O     . HOH B 2 .  ? 9.793   5.309   12.840  1.00 21.08 ? 232 HOH A O     1 
HETATM 382 O O     . HOH B 2 .  ? 1.682   -10.265 -7.540  1.00 23.18 ? 233 HOH A O     1 
HETATM 383 O O     . HOH B 2 .  ? -4.365  -13.833 -6.957  1.00 26.87 ? 234 HOH A O     1 
HETATM 384 O O     . HOH B 2 .  ? -6.594  -11.462 2.507   1.00 30.18 ? 235 HOH A O     1 
HETATM 385 O O     . HOH B 2 .  ? 9.222   -1.688  14.535  1.00 24.12 ? 236 HOH A O     1 
HETATM 386 O O     . HOH B 2 .  ? 12.728  2.678   3.760   1.00 22.68 ? 237 HOH A O     1 
HETATM 387 O O     . HOH B 2 .  ? 14.301  -0.294  14.195  1.00 33.16 ? 238 HOH A O     1 
HETATM 388 O O     . HOH B 2 .  ? 4.138   -2.565  12.813  1.00 35.03 ? 239 HOH A O     1 
HETATM 389 O O     . HOH B 2 .  ? -14.148 -4.002  -4.268  1.00 30.89 ? 240 HOH A O     1 
HETATM 390 O O     . HOH B 2 .  ? -3.993  2.834   5.358   1.00 46.37 ? 241 HOH A O     1 
HETATM 391 O O     . HOH B 2 .  ? -2.570  5.961   -10.094 1.00 19.34 ? 242 HOH A O     1 
HETATM 392 O O     . HOH B 2 .  ? 9.540   2.483   14.230  1.00 30.22 ? 243 HOH A O     1 
HETATM 393 O O     . HOH B 2 .  ? -6.578  -2.934  -2.758  1.00 21.79 ? 244 HOH A O     1 
HETATM 394 O O     . HOH B 2 .  ? -5.851  -12.365 -10.847 1.00 37.82 ? 245 HOH A O     1 
HETATM 395 O O     . HOH B 2 .  ? -3.731  3.885   0.098   1.00 27.86 ? 246 HOH A O     1 
HETATM 396 O O     . HOH B 2 .  ? 17.878  -2.955  12.479  1.00 28.58 ? 247 HOH A O     1 
HETATM 397 O O     . HOH B 2 .  ? -7.604  -2.604  -7.156  1.00 41.86 ? 248 HOH A O     1 
HETATM 398 O O     . HOH B 2 .  ? 13.014  -6.330  3.855   1.00 34.73 ? 249 HOH A O     1 
HETATM 399 O O     . HOH B 2 .  ? 1.569   1.212   2.138   1.00 29.14 ? 250 HOH A O     1 
HETATM 400 O O     . HOH B 2 .  ? 2.395   9.751   0.445   1.00 35.16 ? 251 HOH A O     1 
HETATM 401 O O     . HOH B 2 .  ? -3.800  10.120  -4.174  1.00 25.81 ? 252 HOH A O     1 
HETATM 402 O O     . HOH B 2 .  ? -11.038 -10.867 -4.361  1.00 22.43 ? 253 HOH A O     1 
HETATM 403 O O     . HOH B 2 .  ? -10.272 -17.339 -0.798  1.00 21.91 ? 254 HOH A O     1 
HETATM 404 O O     . HOH B 2 .  ? -0.341  -11.167 -6.582  1.00 33.27 ? 255 HOH A O     1 
HETATM 405 O O     . HOH B 2 .  ? -3.874  2.882   3.065   1.00 33.21 ? 256 HOH A O     1 
HETATM 406 O O     . HOH B 2 .  ? -4.867  2.934   -3.537  1.00 25.81 ? 257 HOH A O     1 
HETATM 407 O O     . HOH B 2 .  ? 2.662   11.253  3.073   1.00 40.01 ? 258 HOH A O     1 
HETATM 408 O O     . HOH B 2 .  ? 8.278   0.031   3.022   1.00 28.58 ? 259 HOH A O     1 
HETATM 409 O O     . HOH B 2 .  ? 0.588   11.324  -1.167  1.00 37.99 ? 260 HOH A O     1 
HETATM 410 O O     . HOH B 2 .  ? -3.657  6.615   8.907   1.00 32.96 ? 261 HOH A O     1 
HETATM 411 O O     . HOH B 2 .  ? -2.258  11.013  2.629   1.00 32.35 ? 262 HOH A O     1 
HETATM 412 O O     . HOH B 2 .  ? 3.873   14.014  6.263   0.50 28.59 ? 263 HOH A O     1 
HETATM 413 O O     . HOH B 2 .  ? -8.222  -0.521  -4.108  0.50 27.04 ? 264 HOH A O     1 
HETATM 414 O O     . HOH B 2 .  ? -5.555  0.958   -2.097  0.50 34.10 ? 265 HOH A O     1 
HETATM 415 O O     . HOH B 2 .  ? 5.078   13.273  8.934   0.50 23.37 ? 266 HOH A O     1 
HETATM 416 O O     . HOH B 2 .  ? -1.113  10.848  7.146   0.50 26.39 ? 267 HOH A O     1 
HETATM 417 O O     . HOH B 2 .  ? 4.010   2.160   3.813   0.50 25.36 ? 268 HOH A O     1 
HETATM 418 O O     . HOH B 2 .  ? 2.076   1.128   7.152   0.50 21.14 ? 269 HOH A O     1 
# 
loop_
_atom_site_anisotrop.id 
_atom_site_anisotrop.type_symbol 
_atom_site_anisotrop.pdbx_label_atom_id 
_atom_site_anisotrop.pdbx_label_alt_id 
_atom_site_anisotrop.pdbx_label_comp_id 
_atom_site_anisotrop.pdbx_label_asym_id 
_atom_site_anisotrop.pdbx_label_seq_id 
_atom_site_anisotrop.pdbx_PDB_ins_code 
_atom_site_anisotrop.U[1][1] 
_atom_site_anisotrop.U[2][2] 
_atom_site_anisotrop.U[3][3] 
_atom_site_anisotrop.U[1][2] 
_atom_site_anisotrop.U[1][3] 
_atom_site_anisotrop.U[2][3] 
_atom_site_anisotrop.pdbx_auth_seq_id 
_atom_site_anisotrop.pdbx_auth_comp_id 
_atom_site_anisotrop.pdbx_auth_asym_id 
_atom_site_anisotrop.pdbx_auth_atom_id 
1   O "O5'" . C   A 1  ? 0.2749 0.2268 0.1951 0.0047  -0.0061 -0.0138 101 C   A "O5'" 
2   C "C5'" . C   A 1  ? 0.2229 0.2102 0.1833 -0.0060 -0.0087 -0.0249 101 C   A "C5'" 
3   C "C4'" . C   A 1  ? 0.1429 0.1448 0.1870 -0.0213 0.0084  -0.0047 101 C   A "C4'" 
4   O "O4'" . C   A 1  ? 0.1500 0.1284 0.1884 -0.0168 0.0296  0.0173  101 C   A "O4'" 
5   C "C3'" . C   A 1  ? 0.1387 0.1376 0.1884 -0.0326 0.0030  0.0167  101 C   A "C3'" 
6   O "O3'" . C   A 1  ? 0.1425 0.1354 0.2027 -0.0346 0.0058  0.0299  101 C   A "O3'" 
7   C "C2'" . C   A 1  ? 0.1276 0.1296 0.1601 -0.0175 0.0095  0.0194  101 C   A "C2'" 
8   O "O2'" . C   A 1  ? 0.1380 0.1322 0.1770 -0.0149 0.0126  0.0278  101 C   A "O2'" 
9   C "C1'" . C   A 1  ? 0.1339 0.1290 0.1627 -0.0198 0.0157  0.0159  101 C   A "C1'" 
10  N N1    . C   A 1  ? 0.0966 0.1184 0.1305 -0.0189 -0.0105 0.0000  101 C   A N1    
11  C C2    . C   A 1  ? 0.0890 0.1322 0.1175 -0.0088 0.0054  -0.0015 101 C   A C2    
12  O O2    . C   A 1  ? 0.1323 0.1356 0.1164 -0.0050 -0.0111 -0.0002 101 C   A O2    
13  N N3    . C   A 1  ? 0.1056 0.1268 0.1231 -0.0108 -0.0077 0.0008  101 C   A N3    
14  C C4    . C   A 1  ? 0.1024 0.1284 0.1259 -0.0045 0.0138  0.0038  101 C   A C4    
15  N N4    . C   A 1  ? 0.1398 0.1386 0.1325 -0.0150 0.0016  0.0115  101 C   A N4    
16  C C5    . C   A 1  ? 0.1577 0.1414 0.1244 0.0172  0.0015  -0.0001 101 C   A C5    
17  C C6    . C   A 1  ? 0.1383 0.1249 0.1345 0.0024  -0.0025 -0.0087 101 C   A C6    
18  P P     . G   A 2  ? 0.1344 0.1585 0.2173 -0.0311 0.0010  0.0120  102 G   A P     
19  O OP1   . G   A 2  ? 0.1595 0.1812 0.2616 -0.0570 0.0164  -0.0001 102 G   A OP1   
20  O OP2   . G   A 2  ? 0.1499 0.1724 0.1990 -0.0283 -0.0244 -0.0181 102 G   A OP2   
21  O "O5'" . G   A 2  ? 0.1475 0.1560 0.1848 -0.0148 -0.0026 0.0375  102 G   A "O5'" 
22  C "C5'" . G   A 2  ? 0.1670 0.1635 0.1900 -0.0019 0.0259  0.0422  102 G   A "C5'" 
23  C "C4'" . G   A 2  ? 0.1247 0.1593 0.1857 -0.0133 0.0063  0.0392  102 G   A "C4'" 
24  O "O4'" . G   A 2  ? 0.1322 0.1674 0.2111 -0.0129 0.0071  0.0589  102 G   A "O4'" 
25  C "C3'" . G   A 2  ? 0.1285 0.1530 0.1681 -0.0133 0.0198  0.0372  102 G   A "C3'" 
26  O "O3'" . G   A 2  ? 0.1310 0.1758 0.2102 -0.0230 0.0307  0.0532  102 G   A "O3'" 
27  C "C2'" . G   A 2  ? 0.1350 0.1582 0.1646 -0.0174 0.0244  0.0315  102 G   A "C2'" 
28  O "O2'" . G   A 2  ? 0.1757 0.2042 0.1634 -0.0054 0.0174  0.0201  102 G   A "O2'" 
29  C "C1'" . G   A 2  ? 0.1286 0.1614 0.1770 -0.0126 0.0100  0.0361  102 G   A "C1'" 
30  N N9    . G   A 2  ? 0.1002 0.1351 0.1721 -0.0170 0.0077  0.0200  102 G   A N9    
31  C C8    . G   A 2  ? 0.1337 0.1366 0.1854 -0.0209 0.0168  0.0121  102 G   A C8    
32  N N7    . G   A 2  ? 0.1352 0.1404 0.1800 -0.0227 0.0168  0.0099  102 G   A N7    
33  C C5    . G   A 2  ? 0.0918 0.1388 0.1574 -0.0159 -0.0062 0.0096  102 G   A C5    
34  C C6    . G   A 2  ? 0.1034 0.1412 0.1213 -0.0022 -0.0437 0.0025  102 G   A C6    
35  O O6    . G   A 2  ? 0.1453 0.1365 0.1356 -0.0052 -0.0093 0.0029  102 G   A O6    
36  N N1    . G   A 2  ? 0.1073 0.1439 0.1469 -0.0136 -0.0055 -0.0028 102 G   A N1    
37  C C2    . G   A 2  ? 0.1193 0.1384 0.1388 -0.0133 -0.0240 -0.0041 102 G   A C2    
38  N N2    . G   A 2  ? 0.1428 0.1585 0.1564 0.0019  0.0000  -0.0096 102 G   A N2    
39  N N3    . G   A 2  ? 0.1189 0.1489 0.1516 -0.0110 -0.0178 0.0043  102 G   A N3    
40  C C4    . G   A 2  ? 0.1133 0.1331 0.1545 -0.0149 -0.0163 0.0116  102 G   A C4    
41  P P     . C   A 3  ? 0.1355 0.1689 0.2292 -0.0292 0.0219  0.0290  103 C   A P     
42  O OP1   . C   A 3  ? 0.1438 0.1736 0.3151 -0.0376 0.0431  0.0547  103 C   A OP1   
43  O OP2   . C   A 3  ? 0.1546 0.1881 0.2449 -0.0148 0.0024  -0.0123 103 C   A OP2   
44  O "O5'" . C   A 3  ? 0.1338 0.1710 0.1501 -0.0141 0.0333  0.0418  103 C   A "O5'" 
45  C "C5'" . C   A 3  ? 0.1660 0.1818 0.1445 -0.0032 0.0288  0.0532  103 C   A "C5'" 
46  C "C4'" . C   A 3  ? 0.1164 0.1751 0.1224 -0.0114 0.0191  0.0349  103 C   A "C4'" 
47  O "O4'" . C   A 3  ? 0.1060 0.1700 0.1229 -0.0029 0.0086  0.0330  103 C   A "O4'" 
48  C "C3'" . C   A 3  ? 0.1089 0.1535 0.1271 -0.0115 0.0151  0.0140  103 C   A "C3'" 
49  O "O3'" . C   A 3  ? 0.1094 0.1691 0.1512 -0.0060 0.0242  0.0095  103 C   A "O3'" 
50  C "C2'" . C   A 3  ? 0.1209 0.1518 0.1004 -0.0090 -0.0043 0.0077  103 C   A "C2'" 
51  O "O2'" . C   A 3  ? 0.1262 0.1655 0.1140 -0.0088 0.0112  -0.0006 103 C   A "O2'" 
52  C "C1'" . C   A 3  ? 0.1243 0.1455 0.0966 -0.0158 0.0064  0.0126  103 C   A "C1'" 
53  N N1    . C   A 3  ? 0.1066 0.1390 0.1027 -0.0070 -0.0017 0.0140  103 C   A N1    
54  C C2    . C   A 3  ? 0.1103 0.1368 0.0872 -0.0089 -0.0075 0.0056  103 C   A C2    
55  O O2    . C   A 3  ? 0.1286 0.1451 0.0762 0.0016  0.0060  0.0084  103 C   A O2    
56  N N3    . C   A 3  ? 0.1018 0.1357 0.0911 -0.0036 0.0033  0.0059  103 C   A N3    
57  C C4    . C   A 3  ? 0.1043 0.1418 0.1005 0.0054  0.0026  0.0134  103 C   A C4    
58  N N4    . C   A 3  ? 0.1166 0.1496 0.1024 0.0036  0.0107  0.0023  103 C   A N4    
59  C C5    . C   A 3  ? 0.1070 0.1407 0.1176 -0.0131 0.0124  0.0140  103 C   A C5    
60  C C6    . C   A 3  ? 0.1256 0.1462 0.1104 -0.0073 0.0045  0.0101  103 C   A C6    
61  P P     . G   A 4  ? 0.1113 0.1642 0.1860 -0.0249 0.0191  0.0140  104 G   A P     
62  O OP1   . G   A 4  ? 0.1392 0.1872 0.2084 -0.0310 0.0171  0.0491  104 G   A OP1   
63  O OP2   . G   A 4  ? 0.1421 0.1707 0.2309 -0.0219 0.0029  -0.0175 104 G   A OP2   
64  O "O5'" . G   A 4  ? 0.1214 0.1697 0.1362 -0.0142 0.0259  0.0054  104 G   A "O5'" 
65  C "C5'" . G   A 4  ? 0.1277 0.1795 0.1209 0.0008  0.0237  0.0186  104 G   A "C5'" 
66  C "C4'" . G   A 4  ? 0.1060 0.1665 0.1022 0.0092  0.0099  -0.0064 104 G   A "C4'" 
67  O "O4'" . G   A 4  ? 0.1160 0.1746 0.0899 -0.0061 -0.0031 0.0078  104 G   A "O4'" 
68  C "C3'" . G   A 4  ? 0.1260 0.1630 0.1231 0.0038  -0.0198 0.0081  104 G   A "C3'" 
69  O "O3'" A G   A 4  ? 0.1317 0.1267 0.1238 0.0044  -0.0122 -0.0141 104 G   A "O3'" 
70  O "O3'" B G   A 4  ? 0.1251 0.1637 0.1383 -0.0372 -0.0120 0.0201  104 G   A "O3'" 
71  O "O2'" . G   A 4  ? 0.1392 0.1914 0.1333 -0.0030 0.0026  -0.0056 104 G   A "O2'" 
72  C "C1'" . G   A 4  ? 0.1040 0.1551 0.1027 0.0018  -0.0134 0.0062  104 G   A "C1'" 
73  N N9    . G   A 4  ? 0.1055 0.1569 0.1022 -0.0002 0.0047  0.0083  104 G   A N9    
74  C C8    . G   A 4  ? 0.1175 0.1498 0.1045 -0.0082 -0.0016 -0.0059 104 G   A C8    
75  N N7    . G   A 4  ? 0.1230 0.1395 0.0923 -0.0018 -0.0023 0.0078  104 G   A N7    
76  C C5    . G   A 4  ? 0.1020 0.1439 0.0921 0.0039  -0.0149 0.0088  104 G   A C5    
77  C C6    . G   A 4  ? 0.1083 0.1333 0.0997 0.0019  -0.0079 0.0189  104 G   A C6    
78  O O6    . G   A 4  ? 0.1125 0.1233 0.1055 -0.0146 -0.0027 -0.0023 104 G   A O6    
79  N N1    . G   A 4  ? 0.1258 0.1271 0.0944 -0.0057 -0.0274 -0.0013 104 G   A N1    
80  C C2    . G   A 4  ? 0.1445 0.1425 0.1185 -0.0072 0.0079  -0.0005 104 G   A C2    
81  N N2    . G   A 4  ? 0.2505 0.1549 0.1222 0.0289  0.0297  0.0265  104 G   A N2    
82  N N3    . G   A 4  ? 0.1284 0.1430 0.1104 -0.0021 -0.0020 0.0038  104 G   A N3    
83  C C4    . G   A 4  ? 0.1016 0.1465 0.0871 -0.0027 -0.0202 0.0019  104 G   A C4    
84  P P     A A   A 5  ? 0.1326 0.1524 0.1457 0.0013  -0.0261 -0.0211 105 A   A P     
85  P P     B A   A 5  ? 0.1338 0.1535 0.1713 0.0017  -0.0303 -0.0308 105 A   A P     
86  O OP1   A A   A 5  ? 0.1280 0.2022 0.2048 -0.0080 -0.0159 -0.0390 105 A   A OP1   
87  O OP1   B A   A 5  ? 0.1301 0.1712 0.2403 -0.0180 -0.0386 -0.0586 105 A   A OP1   
88  O OP2   A A   A 5  ? 0.1410 0.1449 0.1413 -0.0115 -0.0263 -0.0222 105 A   A OP2   
89  O OP2   B A   A 5  ? 0.1618 0.1586 0.2334 0.0076  -0.0187 -0.0240 105 A   A OP2   
90  O "O5'" A A   A 5  ? 0.1518 0.1521 0.1338 -0.0008 -0.0380 -0.0152 105 A   A "O5'" 
91  O "O5'" B A   A 5  ? 0.1596 0.1607 0.1170 0.0172  -0.0389 -0.0388 105 A   A "O5'" 
92  C "C5'" A A   A 5  ? 0.1907 0.1663 0.1214 0.0353  0.0125  -0.0024 105 A   A "C5'" 
93  C "C5'" B A   A 5  ? 0.1771 0.1587 0.1377 0.0146  -0.0470 -0.0331 105 A   A "C5'" 
94  C "C4'" A A   A 5  ? 0.1375 0.1596 0.1072 -0.0050 -0.0207 -0.0194 105 A   A "C4'" 
95  C "C4'" B A   A 5  ? 0.1718 0.1423 0.1507 0.0225  -0.0257 -0.0443 105 A   A "C4'" 
96  O "O4'" A A   A 5  ? 0.1406 0.1380 0.1061 0.0193  -0.0270 -0.0392 105 A   A "O4'" 
97  O "O4'" B A   A 5  ? 0.1773 0.2027 0.1243 0.0256  -0.0282 -0.0605 105 A   A "O4'" 
98  C "C3'" A A   A 5  ? 0.1376 0.1563 0.1150 0.0128  -0.0256 -0.0286 105 A   A "C3'" 
99  C "C3'" B A   A 5  ? 0.1672 0.1809 0.1403 0.0325  -0.0364 -0.0293 105 A   A "C3'" 
100 O "O3'" A A   A 5  ? 0.1361 0.1843 0.0990 0.0249  -0.0188 -0.0202 105 A   A "O3'" 
101 O "O3'" B A   A 5  ? 0.1495 0.1799 0.1970 0.0096  -0.0436 -0.0306 105 A   A "O3'" 
102 C "C2'" A A   A 5  ? 0.1331 0.1636 0.1100 0.0359  -0.0186 -0.0105 105 A   A "C2'" 
103 C "C2'" B A   A 5  ? 0.1451 0.1726 0.1445 0.0389  -0.0417 -0.0353 105 A   A "C2'" 
104 O "O2'" A A   A 5  ? 0.1755 0.1602 0.1524 0.0224  -0.0301 -0.0008 105 A   A "O2'" 
105 O "O2'" B A   A 5  ? 0.1819 0.1781 0.2422 0.0161  -0.0797 -0.0033 105 A   A "O2'" 
106 C "C1'" A A   A 5  ? 0.1391 0.1319 0.1117 0.0196  -0.0171 -0.0359 105 A   A "C1'" 
107 C "C1'" B A   A 5  ? 0.1612 0.1837 0.1245 0.0437  -0.0376 -0.0394 105 A   A "C1'" 
108 N N9    A A   A 5  ? 0.1072 0.1381 0.1189 0.0227  -0.0013 -0.0062 105 A   A N9    
109 N N9    B A   A 5  ? 0.1451 0.1596 0.1034 0.0289  -0.0258 -0.0125 105 A   A N9    
110 C C8    A A   A 5  ? 0.1265 0.1362 0.0868 0.0135  -0.0134 -0.0189 105 A   A C8    
111 C C8    B A   A 5  ? 0.1494 0.1361 0.1184 -0.0157 -0.0053 -0.0260 105 A   A C8    
112 N N7    A A   A 5  ? 0.0899 0.1241 0.0808 0.0031  -0.0258 -0.0140 105 A   A N7    
113 N N7    B A   A 5  ? 0.1666 0.1502 0.1209 0.0199  0.0042  0.0120  105 A   A N7    
114 C C5    A A   A 5  ? 0.0925 0.1138 0.0822 0.0031  -0.0270 -0.0169 105 A   A C5    
115 C C5    B A   A 5  ? 0.1178 0.1264 0.0910 0.0140  -0.0367 -0.0046 105 A   A C5    
116 C C6    A A   A 5  ? 0.1136 0.1115 0.1106 0.0102  0.0036  0.0045  105 A   A C6    
117 C C6    B A   A 5  ? 0.0986 0.0816 0.0936 -0.0243 -0.0383 -0.0264 105 A   A C6    
118 N N6    A A   A 5  ? 0.1071 0.1087 0.1059 0.0083  -0.0025 -0.0093 105 A   A N6    
119 N N6    B A   A 5  ? 0.0903 0.1075 0.1273 -0.0006 -0.0445 -0.0060 105 A   A N6    
120 N N1    A A   A 5  ? 0.1305 0.0959 0.1323 -0.0284 0.0101  -0.0022 105 A   A N1    
121 N N1    B A   A 5  ? 0.1501 0.1011 0.1081 -0.0029 -0.0186 -0.0090 105 A   A N1    
122 C C2    A A   A 5  ? 0.0924 0.1257 0.1150 -0.0062 -0.0160 0.0191  105 A   A C2    
123 C C2    B A   A 5  ? 0.1329 0.1123 0.0925 0.0042  -0.0452 -0.0057 105 A   A C2    
124 N N3    A A   A 5  ? 0.1042 0.1413 0.1161 0.0137  -0.0248 0.0142  105 A   A N3    
125 N N3    B A   A 5  ? 0.1446 0.1164 0.1318 0.0102  -0.0183 0.0021  105 A   A N3    
126 C C4    A A   A 5  ? 0.1020 0.1232 0.0817 0.0113  -0.0298 -0.0162 105 A   A C4    
127 C C4    B A   A 5  ? 0.1066 0.1184 0.0918 0.0065  -0.0469 -0.0170 105 A   A C4    
128 P P     A A   A 6  ? 0.1231 0.1856 0.1023 0.0003  -0.0077 -0.0020 106 A   A P     
129 P P     B A   A 6  ? 0.1694 0.2365 0.1823 0.0085  -0.0433 -0.0482 106 A   A P     
130 O OP1   A A   A 6  ? 0.1147 0.2286 0.2053 -0.0084 0.0187  0.0433  106 A   A OP1   
131 O OP1   B A   A 6  ? 0.1672 0.3481 0.2306 0.0327  -0.0670 -0.0474 106 A   A OP1   
132 O OP2   A A   A 6  ? 0.1895 0.1794 0.1124 0.0010  0.0194  -0.0039 106 A   A OP2   
133 O OP2   B A   A 6  ? 0.1824 0.2207 0.1894 -0.0445 -0.0203 -0.0532 106 A   A OP2   
134 O "O5'" A A   A 6  ? 0.1687 0.1597 0.0938 0.0323  -0.0121 -0.0074 106 A   A "O5'" 
135 O "O5'" B A   A 6  ? 0.2319 0.2444 0.1838 0.0450  -0.0299 -0.0071 106 A   A "O5'" 
136 C "C5'" A A   A 6  ? 0.2054 0.1657 0.1362 0.0315  0.0271  0.0158  106 A   A "C5'" 
137 C "C5'" B A   A 6  ? 0.2354 0.2531 0.1867 0.0899  -0.0384 -0.0089 106 A   A "C5'" 
138 C "C4'" A A   A 6  ? 0.1457 0.1717 0.1265 -0.0286 0.0010  -0.0075 106 A   A "C4'" 
139 C "C4'" B A   A 6  ? 0.2253 0.1897 0.1547 0.0395  -0.0710 -0.0224 106 A   A "C4'" 
140 O "O4'" A A   A 6  ? 0.1638 0.1465 0.1174 -0.0018 -0.0174 -0.0013 106 A   A "O4'" 
141 O "O4'" B A   A 6  ? 0.2116 0.1548 0.1997 0.0083  -0.0645 -0.0462 106 A   A "O4'" 
142 C "C3'" A A   A 6  ? 0.1408 0.1259 0.1253 0.0030  -0.0111 0.0155  106 A   A "C3'" 
143 C "C3'" B A   A 6  ? 0.1931 0.1867 0.1696 0.0248  -0.0720 -0.0227 106 A   A "C3'" 
144 O "O3'" A A   A 6  ? 0.1543 0.1505 0.1029 -0.0041 -0.0175 0.0166  106 A   A "O3'" 
145 O "O3'" B A   A 6  ? 0.1824 0.1547 0.1467 0.0153  -0.0523 -0.0048 106 A   A "O3'" 
146 C "C2'" A A   A 6  ? 0.1542 0.1483 0.0973 0.0016  -0.0142 0.0223  106 A   A "C2'" 
147 C "C2'" B A   A 6  ? 0.1921 0.1747 0.1420 0.0148  -0.0666 0.0008  106 A   A "C2'" 
148 O "O2'" A A   A 6  ? 0.1578 0.1487 0.1548 -0.0029 0.0010  0.0413  106 A   A "O2'" 
149 O "O2'" B A   A 6  ? 0.2743 0.1559 0.1674 -0.0209 -0.0830 0.0056  106 A   A "O2'" 
150 C "C1'" A A   A 6  ? 0.1455 0.1106 0.1429 -0.0169 -0.0214 -0.0127 106 A   A "C1'" 
151 C "C1'" B A   A 6  ? 0.2000 0.1602 0.1529 0.0091  -0.0741 -0.0229 106 A   A "C1'" 
152 N N9    A A   A 6  ? 0.0863 0.1553 0.1230 0.0004  -0.0267 -0.0038 106 A   A N9    
153 N N9    B A   A 6  ? 0.2067 0.1609 0.1392 0.0158  -0.0811 -0.0231 106 A   A N9    
154 C C8    A A   A 6  ? 0.1065 0.1427 0.1251 0.0121  -0.0325 0.0027  106 A   A C8    
155 C C8    B A   A 6  ? 0.2002 0.1663 0.1614 0.0192  -0.0586 -0.0171 106 A   A C8    
156 N N7    A A   A 6  ? 0.1337 0.1369 0.1822 0.0174  -0.0029 0.0073  106 A   A N7    
157 N N7    B A   A 6  ? 0.1551 0.1621 0.1703 -0.0014 -0.0662 -0.0096 106 A   A N7    
158 C C5    A A   A 6  ? 0.1044 0.1346 0.1147 -0.0031 -0.0572 -0.0467 106 A   A C5    
159 C C5    B A   A 6  ? 0.2142 0.1365 0.1613 0.0084  -0.0550 -0.0212 106 A   A C5    
160 C C6    A A   A 6  ? 0.0870 0.1141 0.1262 -0.0192 -0.0545 -0.0502 106 A   A C6    
161 C C6    B A   A 6  ? 0.1110 0.1130 0.2337 -0.0589 -0.0403 -0.0158 106 A   A C6    
162 N N6    A A   A 6  ? 0.1335 0.1439 0.1902 0.0044  -0.0230 -0.0051 106 A   A N6    
163 N N6    B A   A 6  ? 0.0988 0.1252 0.1629 -0.0160 -0.0542 -0.0513 106 A   A N6    
164 N N1    A A   A 6  ? 0.2207 0.2361 0.2520 0.0606  0.0774  0.0499  106 A   A N1    
165 N N1    B A   A 6  ? 0.1616 0.1634 0.1850 -0.0664 -0.0507 -0.0380 106 A   A N1    
166 C C2    A A   A 6  ? 0.0920 0.1590 0.1362 -0.0193 -0.0391 -0.0433 106 A   A C2    
167 C C2    B A   A 6  ? 0.2102 0.1937 0.1421 -0.0394 -0.0424 -0.0357 106 A   A C2    
168 N N3    A A   A 6  ? 0.0794 0.2130 0.2201 -0.0001 0.0166  0.0147  106 A   A N3    
169 N N3    B A   A 6  ? 0.2951 0.2362 0.2030 0.0273  0.0087  0.0187  106 A   A N3    
170 C C4    A A   A 6  ? 0.0911 0.1324 0.1188 -0.0119 -0.0458 -0.0407 106 A   A C4    
171 C C4    B A   A 6  ? 0.1817 0.1310 0.2111 -0.0228 -0.0311 -0.0064 106 A   A C4    
172 P P     A U   A 7  ? 0.1518 0.1468 0.1293 -0.0093 -0.0207 0.0320  107 U   A P     
173 P P     B U   A 7  ? 0.1949 0.1633 0.1404 0.0094  -0.0541 -0.0100 107 U   A P     
174 O OP1   A U   A 7  ? 0.1786 0.1426 0.1775 -0.0180 -0.0524 0.0408  107 U   A OP1   
175 O OP1   B U   A 7  ? 0.2226 0.2101 0.1679 0.0485  -0.0866 -0.0516 107 U   A OP1   
176 O OP2   A U   A 7  ? 0.1461 0.1640 0.1307 -0.0048 -0.0107 0.0384  107 U   A OP2   
177 O OP2   B U   A 7  ? 0.2158 0.2170 0.1316 -0.0432 -0.0319 -0.0271 107 U   A OP2   
178 O "O5'" A U   A 7  ? 0.2093 0.1239 0.1228 -0.0257 -0.0177 0.0212  107 U   A "O5'" 
179 O "O5'" B U   A 7  ? 0.1735 0.1478 0.1360 -0.0090 -0.0483 0.0012  107 U   A "O5'" 
180 C "C5'" A U   A 7  ? 0.2049 0.1159 0.1042 0.0009  -0.0309 0.0190  107 U   A "C5'" 
181 C "C5'" B U   A 7  ? 0.1856 0.1396 0.1668 0.0126  -0.0380 0.0230  107 U   A "C5'" 
182 C "C4'" A U   A 7  ? 0.1555 0.1226 0.1463 -0.0206 -0.0216 0.0164  107 U   A "C4'" 
183 C "C4'" B U   A 7  ? 0.1819 0.1324 0.1333 0.0012  -0.0455 0.0159  107 U   A "C4'" 
184 O "O4'" A U   A 7  ? 0.1841 0.1684 0.1408 -0.0137 -0.0528 -0.0092 107 U   A "O4'" 
185 O "O4'" B U   A 7  ? 0.1674 0.1508 0.0889 0.0026  -0.0198 0.0081  107 U   A "O4'" 
186 C "C3'" A U   A 7  ? 0.1567 0.1182 0.1203 -0.0081 -0.0226 0.0087  107 U   A "C3'" 
187 C "C3'" B U   A 7  ? 0.1348 0.1441 0.1215 -0.0166 -0.0138 0.0203  107 U   A "C3'" 
188 O "O3'" A U   A 7  ? 0.1467 0.1407 0.1348 0.0006  -0.0295 0.0098  107 U   A "O3'" 
189 O "O3'" B U   A 7  ? 0.1480 0.1592 0.1364 0.0124  -0.0298 -0.0082 107 U   A "O3'" 
190 C "C2'" A U   A 7  ? 0.1401 0.1126 0.1079 -0.0217 -0.0225 0.0378  107 U   A "C2'" 
191 C "C2'" B U   A 7  ? 0.1344 0.1474 0.0942 -0.0088 0.0006  0.0120  107 U   A "C2'" 
192 O "O2'" A U   A 7  ? 0.1966 0.1860 0.1079 -0.0293 -0.0003 0.0336  107 U   A "O2'" 
193 O "O2'" B U   A 7  ? 0.1729 0.1725 0.1292 -0.0087 0.0199  0.0626  107 U   A "O2'" 
194 C "C1'" A U   A 7  ? 0.1557 0.1871 0.1140 0.0013  -0.0286 0.0006  107 U   A "C1'" 
195 C "C1'" B U   A 7  ? 0.1634 0.1418 0.1265 -0.0015 -0.0327 0.0124  107 U   A "C1'" 
196 N N1    A U   A 7  ? 0.1268 0.1674 0.1149 -0.0165 -0.0335 -0.0101 107 U   A N1    
197 N N1    B U   A 7  ? 0.1637 0.1321 0.1041 0.0137  -0.0398 -0.0034 107 U   A N1    
198 C C2    A U   A 7  ? 0.1314 0.1369 0.1449 -0.0275 0.0045  0.0123  107 U   A C2    
199 C C2    B U   A 7  ? 0.1652 0.1351 0.1242 0.0130  -0.0112 0.0114  107 U   A C2    
200 O O2    A U   A 7  ? 0.1360 0.1963 0.1409 0.0029  0.0036  0.0368  107 U   A O2    
201 O O2    B U   A 7  ? 0.1724 0.1088 0.1409 -0.0065 0.0018  -0.0037 107 U   A O2    
202 N N3    A U   A 7  ? 0.1213 0.1628 0.1721 -0.0176 0.0266  0.0405  107 U   A N3    
203 N N3    B U   A 7  ? 0.1617 0.1041 0.1308 0.0016  -0.0099 0.0065  107 U   A N3    
204 C C4    A U   A 7  ? 0.1029 0.0996 0.1235 -0.0333 -0.0220 -0.0075 107 U   A C4    
205 C C4    B U   A 7  ? 0.1274 0.1007 0.1486 -0.0317 -0.0087 0.0155  107 U   A C4    
206 O O4    A U   A 7  ? 0.1648 0.1330 0.1550 -0.0126 0.0079  0.0270  107 U   A O4    
207 O O4    B U   A 7  ? 0.1366 0.1137 0.1127 -0.0145 -0.0254 -0.0059 107 U   A O4    
208 C C5    A U   A 7  ? 0.1302 0.1260 0.1217 -0.0166 -0.0234 -0.0066 107 U   A C5    
209 C C5    B U   A 7  ? 0.1412 0.1537 0.0978 0.0151  -0.0462 -0.0057 107 U   A C5    
210 C C6    A U   A 7  ? 0.1306 0.1362 0.1219 -0.0129 -0.0261 0.0042  107 U   A C6    
211 C C6    B U   A 7  ? 0.1506 0.1211 0.1226 0.0054  -0.0346 0.0035  107 U   A C6    
212 P P     A U   A 8  ? 0.1445 0.1777 0.1374 -0.0228 -0.0180 0.0168  108 U   A P     
213 P P     B U   A 8  ? 0.1632 0.1723 0.1516 -0.0033 -0.0405 -0.0004 108 U   A P     
214 O OP1   A U   A 8  ? 0.1665 0.1951 0.1621 -0.0262 -0.0470 0.0262  108 U   A OP1   
215 O OP1   B U   A 8  ? 0.2494 0.2472 0.1682 0.0088  -0.0992 -0.0059 108 U   A OP1   
216 O OP2   A U   A 8  ? 0.2254 0.1972 0.1443 -0.0248 0.0059  0.0297  108 U   A OP2   
217 O OP2   B U   A 8  ? 0.1367 0.1772 0.1999 0.0157  -0.0221 -0.0067 108 U   A OP2   
218 O "O5'" A U   A 8  ? 0.1596 0.1394 0.1344 -0.0436 -0.0238 0.0187  108 U   A "O5'" 
219 O "O5'" B U   A 8  ? 0.1572 0.1697 0.1574 -0.0140 -0.0166 -0.0212 108 U   A "O5'" 
220 C "C5'" A U   A 8  ? 0.1306 0.1315 0.1546 -0.0553 -0.0132 0.0003  108 U   A "C5'" 
221 C "C5'" B U   A 8  ? 0.2757 0.1500 0.1493 0.0088  0.0195  0.0224  108 U   A "C5'" 
222 C "C4'" A U   A 8  ? 0.1706 0.1578 0.1517 -0.0270 -0.0134 0.0208  108 U   A "C4'" 
223 C "C4'" B U   A 8  ? 0.2217 0.1565 0.1361 0.0039  0.0076  0.0034  108 U   A "C4'" 
224 O "O4'" A U   A 8  ? 0.1642 0.1468 0.1384 -0.0230 -0.0044 0.0168  108 U   A "O4'" 
225 O "O4'" B U   A 8  ? 0.2382 0.1472 0.1639 -0.0319 -0.0165 0.0080  108 U   A "O4'" 
226 C "C3'" A U   A 8  ? 0.2048 0.1394 0.1241 -0.0266 -0.0339 0.0031  108 U   A "C3'" 
227 C "C3'" B U   A 8  ? 0.2445 0.1437 0.1273 -0.0115 -0.0310 -0.0062 108 U   A "C3'" 
228 O "O3'" A U   A 8  ? 0.1845 0.1623 0.1186 0.0012  -0.0150 -0.0325 108 U   A "O3'" 
229 O "O3'" B U   A 8  ? 0.2540 0.1893 0.1439 0.0201  -0.0478 -0.0390 108 U   A "O3'" 
230 C "C2'" A U   A 8  ? 0.1852 0.1488 0.1303 -0.0311 -0.0171 0.0072  108 U   A "C2'" 
231 C "C2'" B U   A 8  ? 0.2474 0.1428 0.1297 -0.0152 -0.0418 -0.0101 108 U   A "C2'" 
232 O "O2'" A U   A 8  ? 0.2299 0.2172 0.1307 -0.0035 -0.0098 -0.0025 108 U   A "O2'" 
233 O "O2'" B U   A 8  ? 0.2343 0.2351 0.1852 -0.0003 -0.0460 -0.0796 108 U   A "O2'" 
234 C "C1'" A U   A 8  ? 0.1584 0.1340 0.1418 -0.0349 -0.0045 0.0134  108 U   A "C1'" 
235 C "C1'" B U   A 8  ? 0.2372 0.1387 0.1342 -0.0297 -0.0255 -0.0119 108 U   A "C1'" 
236 N N1    A U   A 8  ? 0.1667 0.1115 0.1392 -0.0229 -0.0066 0.0061  108 U   A N1    
237 N N1    B U   A 8  ? 0.1588 0.1299 0.1358 -0.0344 -0.0351 -0.0140 108 U   A N1    
238 C C2    A U   A 8  ? 0.1116 0.1220 0.1335 -0.0188 -0.0005 -0.0014 108 U   A C2    
239 C C2    B U   A 8  ? 0.2170 0.1726 0.1426 0.0355  -0.0006 -0.0025 108 U   A C2    
240 O O2    A U   A 8  ? 0.1250 0.1218 0.1649 -0.0274 0.0153  -0.0208 108 U   A O2    
241 O O2    B U   A 8  ? 0.1283 0.1924 0.1562 0.0054  -0.0099 -0.0185 108 U   A O2    
242 N N3    A U   A 8  ? 0.1449 0.0941 0.1333 -0.0109 0.0072  -0.0022 108 U   A N3    
243 N N3    B U   A 8  ? 0.1121 0.0923 0.1370 -0.0222 -0.0302 -0.0175 108 U   A N3    
244 C C4    A U   A 8  ? 0.1260 0.1168 0.1205 -0.0021 -0.0040 0.0120  108 U   A C4    
245 C C4    B U   A 8  ? 0.1221 0.1211 0.1223 0.0041  -0.0544 -0.0241 108 U   A C4    
246 O O4    A U   A 8  ? 0.1165 0.1107 0.1179 0.0048  0.0028  0.0146  108 U   A O4    
247 O O4    B U   A 8  ? 0.1112 0.1090 0.1323 0.0139  -0.0433 -0.0099 108 U   A O4    
248 C C5    A U   A 8  ? 0.1541 0.1136 0.1184 0.0000  -0.0444 -0.0048 108 U   A C5    
249 C C5    B U   A 8  ? 0.1626 0.1170 0.1406 0.0035  -0.0416 -0.0004 108 U   A C5    
250 C C6    A U   A 8  ? 0.1312 0.1110 0.1410 -0.0206 -0.0077 0.0322  108 U   A C6    
251 C C6    B U   A 8  ? 0.1595 0.1157 0.1363 -0.0321 -0.0531 -0.0145 108 U   A C6    
252 P P     A A2M A 9  ? 0.1878 0.1748 0.1375 -0.0128 -0.0364 -0.0171 109 A2M A P     
253 P P     B A2M A 9  ? 0.2525 0.1992 0.1656 0.0136  -0.0720 -0.0235 109 A2M A P     
254 O OP1   A A2M A 9  ? 0.2199 0.2196 0.1613 -0.0208 -0.0603 0.0143  109 A2M A OP1   
255 O OP1   B A2M A 9  ? 0.2918 0.2367 0.1929 -0.0093 -0.1000 -0.0024 109 A2M A OP1   
256 O "O5'" A A2M A 9  ? 0.2151 0.1726 0.1052 -0.0216 -0.0326 -0.0156 109 A2M A "O5'" 
257 O "O5'" B A2M A 9  ? 0.2829 0.2035 0.1664 0.0120  -0.0315 -0.0164 109 A2M A "O5'" 
258 C "C5'" A A2M A 9  ? 0.2804 0.1671 0.1189 0.0065  -0.0020 0.0014  109 A2M A "C5'" 
259 C "C5'" B A2M A 9  ? 0.3107 0.1829 0.1010 -0.0280 -0.0515 -0.0016 109 A2M A "C5'" 
260 C "C4'" A A2M A 9  ? 0.2642 0.1308 0.1134 -0.0348 -0.0289 -0.0136 109 A2M A "C4'" 
261 C "C4'" B A2M A 9  ? 0.2530 0.1606 0.1103 -0.0432 -0.0238 -0.0032 109 A2M A "C4'" 
262 O "O4'" A A2M A 9  ? 0.2647 0.1819 0.0973 -0.0556 -0.0219 0.0204  109 A2M A "O4'" 
263 O "O4'" B A2M A 9  ? 0.2620 0.1759 0.0947 -0.0526 -0.0242 0.0155  109 A2M A "O4'" 
264 C "C3'" . A2M A 9  ? 0.2122 0.1417 0.1055 0.0019  -0.0073 -0.0200 109 A2M A "C3'" 
265 O "O3'" A A2M A 9  ? 0.2264 0.1426 0.1006 -0.0199 -0.0040 -0.0155 109 A2M A "O3'" 
266 O "O3'" B A2M A 9  ? 0.2300 0.1478 0.0976 -0.0203 -0.0061 -0.0150 109 A2M A "O3'" 
267 C "C2'" . A2M A 9  ? 0.1975 0.1389 0.1362 -0.0109 0.0034  0.0016  109 A2M A "C2'" 
268 O "O2'" . A2M A 9  ? 0.1324 0.1480 0.1374 -0.0265 0.0314  -0.0014 109 A2M A "O2'" 
269 C "C1'" . A2M A 9  ? 0.2315 0.1518 0.1001 -0.0336 -0.0055 0.0090  109 A2M A "C1'" 
270 C "CM'" . A2M A 9  ? 0.1495 0.1531 0.1845 -0.0212 0.0306  0.0197  109 A2M A "CM'" 
271 N N9    . A2M A 9  ? 0.2221 0.1636 0.1012 -0.0050 -0.0106 0.0054  109 A2M A N9    
272 C C8    . A2M A 9  ? 0.2113 0.1674 0.1092 -0.0086 -0.0341 -0.0035 109 A2M A C8    
273 N N7    . A2M A 9  ? 0.2077 0.1333 0.1039 -0.0098 -0.0344 -0.0021 109 A2M A N7    
274 C C5    A A2M A 9  ? 0.1605 0.1194 0.1105 -0.0217 -0.0068 0.0116  109 A2M A C5    
275 C C5    B A2M A 9  ? 0.1605 0.1216 0.1107 -0.0197 -0.0064 0.0119  109 A2M A C5    
276 C C6    . A2M A 9  ? 0.1186 0.1099 0.1092 -0.0177 -0.0048 0.0088  109 A2M A C6    
277 N N6    . A2M A 9  ? 0.1454 0.1201 0.1169 -0.0121 -0.0188 0.0009  109 A2M A N6    
278 N N1    . A2M A 9  ? 0.1236 0.1249 0.1050 -0.0095 0.0044  0.0105  109 A2M A N1    
279 C C2    . A2M A 9  ? 0.1317 0.1443 0.1111 -0.0027 -0.0007 0.0010  109 A2M A C2    
280 N N3    . A2M A 9  ? 0.1555 0.1760 0.1060 0.0099  -0.0056 -0.0127 109 A2M A N3    
281 C C4    . A2M A 9  ? 0.1610 0.1330 0.1024 -0.0281 0.0039  0.0117  109 A2M A C4    
282 O OP2   A A2M A 9  ? 0.1704 0.1888 0.1675 -0.0146 -0.0159 -0.0149 109 A2M A OP2   
283 O OP2   B A2M A 9  ? 0.2333 0.2366 0.2344 0.0455  -0.0595 -0.0407 109 A2M A OP2   
284 P P     . 2SG A 10 ? 0.2037 0.1892 0.1187 0.0018  0.0108  -0.0025 110 2SG A P     
285 S SP1   . 2SG A 10 ? 0.3467 0.2344 0.1312 0.0541  0.0417  -0.0048 110 2SG A SP1   
286 S SP2   . 2SG A 10 ? 0.1681 0.2375 0.1341 0.0030  0.0059  -0.0127 110 2SG A SP2   
287 O "O5'" . 2SG A 10 ? 0.2114 0.1916 0.1151 -0.0024 0.0122  0.0002  110 2SG A "O5'" 
288 C "C5'" . 2SG A 10 ? 0.1703 0.1858 0.1271 -0.0123 0.0164  0.0116  110 2SG A "C5'" 
289 C "C4'" . 2SG A 10 ? 0.1577 0.1508 0.1190 -0.0295 0.0258  -0.0040 110 2SG A "C4'" 
290 C "C3'" . 2SG A 10 ? 0.1463 0.1379 0.1280 -0.0195 0.0287  -0.0032 110 2SG A "C3'" 
291 O "O3'" . 2SG A 10 ? 0.1601 0.1491 0.1309 -0.0221 0.0335  -0.0060 110 2SG A "O3'" 
292 C "C2'" . 2SG A 10 ? 0.1330 0.1500 0.1329 -0.0169 0.0291  0.0171  110 2SG A "C2'" 
293 O "O2'" . 2SG A 10 ? 0.1650 0.1495 0.1567 -0.0048 0.0285  0.0063  110 2SG A "O2'" 
294 C "C1'" . 2SG A 10 ? 0.1316 0.1412 0.1125 -0.0124 0.0332  0.0060  110 2SG A "C1'" 
295 O "O4'" . 2SG A 10 ? 0.1379 0.1289 0.1147 -0.0146 0.0280  0.0047  110 2SG A "O4'" 
296 N N9    . 2SG A 10 ? 0.1334 0.1399 0.1059 -0.0061 0.0219  0.0067  110 2SG A N9    
297 C C4    . 2SG A 10 ? 0.1191 0.1400 0.1067 -0.0133 0.0113  0.0074  110 2SG A C4    
298 C C5    . 2SG A 10 ? 0.1495 0.1377 0.0982 -0.0038 0.0196  0.0174  110 2SG A C5    
299 N N7    . 2SG A 10 ? 0.1491 0.1266 0.1076 -0.0090 0.0010  0.0137  110 2SG A N7    
300 C C8    . 2SG A 10 ? 0.1337 0.1489 0.1096 -0.0006 0.0224  0.0081  110 2SG A C8    
301 N N3    . 2SG A 10 ? 0.1021 0.1104 0.1171 -0.0195 0.0040  -0.0038 110 2SG A N3    
302 C C2    . 2SG A 10 ? 0.0894 0.1206 0.1109 -0.0238 0.0056  0.0074  110 2SG A C2    
303 N N2    . 2SG A 10 ? 0.1362 0.1222 0.1233 -0.0248 0.0061  0.0215  110 2SG A N2    
304 N N1    . 2SG A 10 ? 0.1070 0.1197 0.1034 -0.0175 0.0108  0.0028  110 2SG A N1    
305 C C6    . 2SG A 10 ? 0.1124 0.1345 0.1087 -0.0134 0.0049  0.0074  110 2SG A C6    
306 O O6    . 2SG A 10 ? 0.1567 0.1371 0.1152 0.0015  -0.0141 -0.0022 110 2SG A O6    
307 P P     . C   A 11 ? 0.1626 0.1560 0.1686 -0.0345 0.0279  -0.0164 111 C   A P     
308 O OP1   . C   A 11 ? 0.1979 0.1847 0.2146 -0.0537 0.0105  -0.0441 111 C   A OP1   
309 O OP2   . C   A 11 ? 0.1568 0.1901 0.1691 -0.0254 0.0333  0.0031  111 C   A OP2   
310 O "O5'" . C   A 11 ? 0.1465 0.1522 0.1642 -0.0211 0.0458  -0.0022 111 C   A "O5'" 
311 C "C5'" . C   A 11 ? 0.1753 0.1644 0.1818 0.0089  0.0472  -0.0058 111 C   A "C5'" 
312 C "C4'" . C   A 11 ? 0.1474 0.1708 0.1828 -0.0110 0.0290  0.0104  111 C   A "C4'" 
313 O "O4'" . C   A 11 ? 0.1638 0.1419 0.2060 -0.0084 0.0449  0.0037  111 C   A "O4'" 
314 C "C3'" . C   A 11 ? 0.1747 0.1519 0.1806 -0.0139 0.0623  0.0194  111 C   A "C3'" 
315 O "O3'" . C   A 11 ? 0.2096 0.1348 0.1989 -0.0195 0.0548  0.0402  111 C   A "O3'" 
316 C "C2'" . C   A 11 ? 0.2046 0.1378 0.1759 -0.0070 0.0432  0.0347  111 C   A "C2'" 
317 O "O2'" . C   A 11 ? 0.1965 0.1565 0.1946 0.0131  0.0514  0.0368  111 C   A "O2'" 
318 C "C1'" . C   A 11 ? 0.1574 0.1482 0.1720 0.0068  0.0365  0.0260  111 C   A "C1'" 
319 N N1    . C   A 11 ? 0.1311 0.1300 0.1555 -0.0162 0.0366  0.0148  111 C   A N1    
320 C C2    . C   A 11 ? 0.1063 0.1493 0.1443 -0.0052 -0.0020 0.0047  111 C   A C2    
321 O O2    . C   A 11 ? 0.1697 0.1558 0.1593 0.0020  -0.0037 0.0185  111 C   A O2    
322 N N3    . C   A 11 ? 0.1199 0.1392 0.1420 -0.0118 0.0016  0.0056  111 C   A N3    
323 C C4    . C   A 11 ? 0.1213 0.1333 0.1360 -0.0176 0.0039  0.0048  111 C   A C4    
324 N N4    . C   A 11 ? 0.1235 0.1414 0.1332 -0.0024 0.0082  -0.0004 111 C   A N4    
325 C C5    . C   A 11 ? 0.1514 0.1377 0.1450 -0.0107 0.0186  0.0016  111 C   A C5    
326 C C6    . C   A 11 ? 0.1048 0.1390 0.1409 -0.0093 0.0271  -0.0019 111 C   A C6    
327 P P     . G   A 12 ? 0.2029 0.1466 0.2193 -0.0416 0.0559  0.0271  112 G   A P     
328 O OP1   . G   A 12 ? 0.2446 0.1623 0.2634 -0.0630 0.0605  0.0131  112 G   A OP1   
329 O OP2   . G   A 12 ? 0.2089 0.1875 0.2057 -0.0243 0.0294  0.0232  112 G   A OP2   
330 O "O5'" . G   A 12 ? 0.1792 0.1372 0.2035 -0.0344 0.0572  0.0459  112 G   A "O5'" 
331 C "C5'" . G   A 12 ? 0.2021 0.1280 0.2116 -0.0257 0.0762  0.0590  112 G   A "C5'" 
332 C "C4'" . G   A 12 ? 0.1656 0.1446 0.1926 -0.0099 0.0455  0.0623  112 G   A "C4'" 
333 O "O4'" . G   A 12 ? 0.1533 0.1515 0.1951 -0.0140 0.0264  0.0379  112 G   A "O4'" 
334 C "C3'" . G   A 12 ? 0.1547 0.1657 0.1655 -0.0227 0.0389  0.0405  112 G   A "C3'" 
335 O "O3'" . G   A 12 ? 0.1849 0.1660 0.2211 -0.0175 0.0705  0.0591  112 G   A "O3'" 
336 C "C2'" . G   A 12 ? 0.1908 0.1669 0.1471 -0.0105 0.0422  0.0451  112 G   A "C2'" 
337 O "O2'" . G   A 12 ? 0.2314 0.2000 0.1529 0.0208  0.0090  0.0449  112 G   A "O2'" 
338 C "C1'" . G   A 12 ? 0.1488 0.1500 0.1836 -0.0081 0.0026  0.0404  112 G   A "C1'" 
339 N N9    . G   A 12 ? 0.1148 0.1234 0.1485 -0.0214 0.0187  0.0112  112 G   A N9    
340 C C8    . G   A 12 ? 0.1135 0.1222 0.1542 -0.0240 0.0182  -0.0052 112 G   A C8    
341 N N7    . G   A 12 ? 0.1284 0.1355 0.1394 -0.0123 0.0288  0.0058  112 G   A N7    
342 C C5    . G   A 12 ? 0.1113 0.1277 0.1382 -0.0050 0.0275  0.0123  112 G   A C5    
343 C C6    . G   A 12 ? 0.0796 0.1281 0.1237 -0.0179 -0.0002 0.0082  112 G   A C6    
344 O O6    . G   A 12 ? 0.1337 0.1270 0.1297 -0.0103 -0.0036 0.0093  112 G   A O6    
345 N N1    . G   A 12 ? 0.0807 0.1280 0.1270 -0.0123 -0.0146 0.0023  112 G   A N1    
346 C C2    . G   A 12 ? 0.0908 0.1300 0.1271 -0.0079 -0.0121 0.0032  112 G   A C2    
347 N N2    . G   A 12 ? 0.1102 0.1358 0.1335 -0.0147 -0.0001 0.0009  112 G   A N2    
348 N N3    . G   A 12 ? 0.1131 0.1274 0.1308 -0.0104 -0.0189 0.0041  112 G   A N3    
349 C C4    . G   A 12 ? 0.1005 0.1243 0.1364 -0.0142 0.0052  0.0041  112 G   A C4    
350 O O     . HOH B .  ? 0.3211 0.3993 0.1819 0.0703  -0.0076 -0.0125 201 HOH A O     
351 O O     . HOH B .  ? 0.3329 0.2761 0.4107 -0.0344 0.0011  0.0648  202 HOH A O     
352 O O     . HOH B .  ? 0.2094 0.2164 0.4050 -0.0486 -0.0124 0.0568  203 HOH A O     
353 O O     . HOH B .  ? 0.2900 0.2223 0.2439 0.0213  0.0032  0.0617  204 HOH A O     
354 O O     . HOH B .  ? 0.2404 0.2475 0.1845 0.0032  0.0505  -0.0089 205 HOH A O     
355 O O     . HOH B .  ? 0.2364 0.2552 0.1820 0.0188  0.0034  0.0105  206 HOH A O     
356 O O     . HOH B .  ? 0.2999 0.3650 0.3111 -0.0034 -0.1032 0.0596  207 HOH A O     
357 O O     . HOH B .  ? 0.2288 0.2376 0.2483 -0.0002 -0.0111 0.0012  208 HOH A O     
358 O O     . HOH B .  ? 0.2691 0.3290 0.2609 -0.0102 -0.0405 -0.0394 209 HOH A O     
359 O O     . HOH B .  ? 0.2682 0.2235 0.1860 -0.0099 -0.0092 -0.0170 210 HOH A O     
360 O O     . HOH B .  ? 0.2059 0.2552 0.2643 -0.0255 -0.0104 -0.0122 211 HOH A O     
361 O O     . HOH B .  ? 0.2724 0.3974 0.3824 0.0369  0.0730  0.1168  212 HOH A O     
362 O O     . HOH B .  ? 0.2274 0.2626 0.2235 -0.0030 0.0155  0.0357  213 HOH A O     
363 O O     . HOH B .  ? 0.3309 0.2145 0.3027 -0.0243 -0.0161 -0.0173 214 HOH A O     
364 O O     . HOH B .  ? 0.1993 0.2192 0.2338 -0.0091 -0.0354 0.0114  215 HOH A O     
365 O O     . HOH B .  ? 0.2369 0.2204 0.2645 -0.0099 0.0100  -0.0176 216 HOH A O     
366 O O     . HOH B .  ? 0.1902 0.2042 0.1914 -0.0123 0.0071  0.0295  217 HOH A O     
367 O O     . HOH B .  ? 0.3890 0.3474 0.4668 -0.0211 -0.1604 -0.1260 218 HOH A O     
368 O O     . HOH B .  ? 0.6375 0.3622 0.3800 -0.0056 0.0686  -0.1048 219 HOH A O     
369 O O     . HOH B .  ? 0.3674 0.2200 0.2815 -0.0151 -0.0279 0.0077  220 HOH A O     
370 O O     . HOH B .  ? 0.2525 0.4065 0.2374 0.0802  -0.0364 0.0261  221 HOH A O     
371 O O     . HOH B .  ? 0.2666 0.3997 0.1784 0.0660  -0.0254 0.0559  222 HOH A O     
372 O O     . HOH B .  ? 0.3788 0.4089 0.4937 -0.0541 -0.1157 -0.0529 223 HOH A O     
373 O O     . HOH B .  ? 0.3507 0.2787 0.3058 -0.0074 -0.0185 -0.0520 224 HOH A O     
374 O O     . HOH B .  ? 0.2717 0.2748 0.3227 0.0009  0.0379  -0.0571 225 HOH A O     
375 O O     . HOH B .  ? 0.2087 0.3039 0.2227 -0.0256 -0.0018 -0.0239 226 HOH A O     
376 O O     . HOH B .  ? 0.3431 0.2591 0.3679 -0.0101 -0.1329 -0.1078 227 HOH A O     
377 O O     . HOH B .  ? 0.3154 0.2730 0.2518 0.0361  -0.0103 -0.0279 228 HOH A O     
378 O O     . HOH B .  ? 0.3026 0.2277 0.3736 -0.0292 -0.0059 -0.0088 229 HOH A O     
379 O O     . HOH B .  ? 0.2728 0.3072 0.2455 0.0308  -0.0376 0.0064  230 HOH A O     
380 O O     . HOH B .  ? 0.3869 0.2853 0.3957 -0.0923 -0.0038 0.0500  231 HOH A O     
381 O O     . HOH B .  ? 0.2466 0.3811 0.1732 0.0197  0.0260  -0.0537 232 HOH A O     
382 O O     . HOH B .  ? 0.2856 0.2893 0.3055 -0.0048 -0.0195 -0.0303 233 HOH A O     
383 O O     . HOH B .  ? 0.3036 0.3474 0.3699 -0.0286 0.0550  -0.0382 234 HOH A O     
384 O O     . HOH B .  ? 0.5184 0.3660 0.2622 0.1212  -0.0811 -0.0605 235 HOH A O     
385 O O     . HOH B .  ? 0.3078 0.3234 0.2855 -0.0158 -0.0080 0.0945  236 HOH A O     
386 O O     . HOH B .  ? 0.2825 0.3429 0.2363 -0.0117 -0.0197 -0.0527 237 HOH A O     
387 O O     . HOH B .  ? 0.4064 0.5131 0.3404 0.1040  0.0640  0.0141  238 HOH A O     
388 O O     . HOH B .  ? 0.4843 0.4249 0.4217 0.0294  0.0215  -0.0749 239 HOH A O     
389 O O     . HOH B .  ? 0.3971 0.5317 0.2450 0.1753  0.0306  0.0631  240 HOH A O     
390 O O     . HOH B .  ? 0.5115 0.6032 0.6473 -0.0316 -0.0524 -0.0951 241 HOH A O     
391 O O     . HOH B .  ? 0.2666 0.2169 0.2511 -0.0294 0.0494  0.0036  242 HOH A O     
392 O O     . HOH B .  ? 0.4144 0.3070 0.4271 -0.0147 0.0169  -0.0340 243 HOH A O     
393 O O     . HOH B .  ? 0.3275 0.2596 0.2410 0.0424  0.0712  0.0832  244 HOH A O     
394 O O     . HOH B .  ? 0.4657 0.4607 0.5107 -0.0991 0.1808  0.0161  245 HOH A O     
395 O O     . HOH B .  ? 0.3667 0.3684 0.3233 0.0652  -0.0345 0.0237  246 HOH A O     
396 O O     . HOH B .  ? 0.4100 0.3249 0.3510 -0.0136 -0.0558 -0.0531 247 HOH A O     
397 O O     . HOH B .  ? 0.6432 0.3617 0.5856 -0.0018 0.2196  0.1355  248 HOH A O     
398 O O     . HOH B .  ? 0.5133 0.4680 0.3381 0.0514  -0.1179 -0.0111 249 HOH A O     
399 O O     . HOH B .  ? 0.3714 0.3967 0.3391 0.0160  0.0206  0.0662  250 HOH A O     
400 O O     . HOH B .  ? 0.4790 0.3059 0.5509 -0.0809 -0.1243 0.0449  251 HOH A O     
401 O O     . HOH B .  ? 0.2981 0.2815 0.4010 -0.0048 0.0444  0.1162  252 HOH A O     
402 O O     . HOH B .  ? 0.2689 0.3080 0.2753 -0.0532 0.0203  -0.0343 253 HOH A O     
403 O O     . HOH B .  ? 0.3547 0.2573 0.2204 -0.0051 0.0126  0.0162  254 HOH A O     
404 O O     . HOH B .  ? 0.4529 0.3954 0.4158 -0.0132 0.0232  0.0885  255 HOH A O     
405 O O     . HOH B .  ? 0.4027 0.3795 0.4796 -0.0164 -0.0893 -0.0924 256 HOH A O     
406 O O     . HOH B .  ? 0.3461 0.2993 0.3352 -0.0233 -0.0726 -0.0021 257 HOH A O     
407 O O     . HOH B .  ? 0.4126 0.5459 0.5615 0.0027  -0.1564 -0.0748 258 HOH A O     
408 O O     . HOH B .  ? 0.3441 0.4163 0.3254 -0.0318 -0.1219 -0.0691 259 HOH A O     
409 O O     . HOH B .  ? 0.4858 0.4886 0.4690 -0.0383 0.0773  0.0495  260 HOH A O     
410 O O     . HOH B .  ? 0.3223 0.5345 0.3957 0.0156  0.0488  -0.0391 261 HOH A O     
411 O O     . HOH B .  ? 0.3434 0.3989 0.4869 -0.0301 -0.0587 -0.0211 262 HOH A O     
412 O O     . HOH B .  ? 0.3324 0.4898 0.2640 0.1372  -0.0915 0.0195  263 HOH A O     
413 O O     . HOH B .  ? 0.4630 0.2185 0.3461 -0.0004 0.1316  0.0243  264 HOH A O     
414 O O     . HOH B .  ? 0.4278 0.3707 0.4970 -0.0448 0.0011  0.0427  265 HOH A O     
415 O O     . HOH B .  ? 0.2674 0.2788 0.3417 -0.0347 0.0505  0.0486  266 HOH A O     
416 O O     . HOH B .  ? 0.4520 0.3073 0.2434 0.1030  -0.0752 -0.0306 267 HOH A O     
417 O O     . HOH B .  ? 0.3904 0.2914 0.2818 0.0606  -0.0927 -0.0655 268 HOH A O     
418 O O     . HOH B .  ? 0.2112 0.2403 0.3519 -0.0450 -0.0757 -0.0089 269 HOH A O     
# 
loop_
_pdbx_poly_seq_scheme.asym_id 
_pdbx_poly_seq_scheme.entity_id 
_pdbx_poly_seq_scheme.seq_id 
_pdbx_poly_seq_scheme.mon_id 
_pdbx_poly_seq_scheme.ndb_seq_num 
_pdbx_poly_seq_scheme.pdb_seq_num 
_pdbx_poly_seq_scheme.auth_seq_num 
_pdbx_poly_seq_scheme.pdb_mon_id 
_pdbx_poly_seq_scheme.auth_mon_id 
_pdbx_poly_seq_scheme.pdb_strand_id 
_pdbx_poly_seq_scheme.pdb_ins_code 
_pdbx_poly_seq_scheme.hetero 
A 1 1  C   1  101 101 C   C   A . n 
A 1 2  G   2  102 102 G   G   A . n 
A 1 3  C   3  103 103 C   C   A . n 
A 1 4  G   4  104 104 G   G   A . n 
A 1 5  A   5  105 105 A   A   A . n 
A 1 6  A   6  106 106 A   A   A . n 
A 1 7  U   7  107 107 U   U   A . n 
A 1 8  U   8  108 108 U   U   A . n 
A 1 9  A2M 9  109 109 A2M A2M A . n 
A 1 10 2SG 10 110 110 2SG GUS A . n 
A 1 11 C   11 111 111 C   C   A . n 
A 1 12 G   12 112 112 G   G   A . n 
# 
loop_
_pdbx_nonpoly_scheme.asym_id 
_pdbx_nonpoly_scheme.entity_id 
_pdbx_nonpoly_scheme.mon_id 
_pdbx_nonpoly_scheme.ndb_seq_num 
_pdbx_nonpoly_scheme.pdb_seq_num 
_pdbx_nonpoly_scheme.auth_seq_num 
_pdbx_nonpoly_scheme.pdb_mon_id 
_pdbx_nonpoly_scheme.auth_mon_id 
_pdbx_nonpoly_scheme.pdb_strand_id 
_pdbx_nonpoly_scheme.pdb_ins_code 
B 2 HOH 1  201 201 HOH HOH A . 
B 2 HOH 2  202 202 HOH HOH A . 
B 2 HOH 3  203 203 HOH HOH A . 
B 2 HOH 4  204 204 HOH HOH A . 
B 2 HOH 5  205 205 HOH HOH A . 
B 2 HOH 6  206 206 HOH HOH A . 
B 2 HOH 7  207 207 HOH HOH A . 
B 2 HOH 8  208 208 HOH HOH A . 
B 2 HOH 9  209 209 HOH HOH A . 
B 2 HOH 10 210 210 HOH HOH A . 
B 2 HOH 11 211 211 HOH HOH A . 
B 2 HOH 12 212 212 HOH HOH A . 
B 2 HOH 13 213 213 HOH HOH A . 
B 2 HOH 14 214 214 HOH HOH A . 
B 2 HOH 15 215 215 HOH HOH A . 
B 2 HOH 16 216 216 HOH HOH A . 
B 2 HOH 17 217 217 HOH HOH A . 
B 2 HOH 18 218 218 HOH HOH A . 
B 2 HOH 19 219 219 HOH HOH A . 
B 2 HOH 20 220 220 HOH HOH A . 
B 2 HOH 21 221 221 HOH HOH A . 
B 2 HOH 22 222 222 HOH HOH A . 
B 2 HOH 23 223 223 HOH HOH A . 
B 2 HOH 24 224 224 HOH HOH A . 
B 2 HOH 25 225 225 HOH HOH A . 
B 2 HOH 26 226 226 HOH HOH A . 
B 2 HOH 27 227 227 HOH HOH A . 
B 2 HOH 28 228 228 HOH HOH A . 
B 2 HOH 29 229 229 HOH HOH A . 
B 2 HOH 30 230 230 HOH HOH A . 
B 2 HOH 31 231 231 HOH HOH A . 
B 2 HOH 32 232 232 HOH HOH A . 
B 2 HOH 33 233 233 HOH HOH A . 
B 2 HOH 34 234 234 HOH HOH A . 
B 2 HOH 35 235 235 HOH HOH A . 
B 2 HOH 36 236 236 HOH HOH A . 
B 2 HOH 37 237 237 HOH HOH A . 
B 2 HOH 38 238 238 HOH HOH A . 
B 2 HOH 39 239 239 HOH HOH A . 
B 2 HOH 40 240 240 HOH HOH A . 
B 2 HOH 41 241 241 HOH HOH A . 
B 2 HOH 42 242 242 HOH HOH A . 
B 2 HOH 43 243 243 HOH HOH A . 
B 2 HOH 44 244 244 HOH HOH A . 
B 2 HOH 45 245 245 HOH HOH A . 
B 2 HOH 46 246 246 HOH HOH A . 
B 2 HOH 47 247 247 HOH HOH A . 
B 2 HOH 48 248 248 HOH HOH A . 
B 2 HOH 49 249 249 HOH HOH A . 
B 2 HOH 50 250 250 HOH HOH A . 
B 2 HOH 51 251 251 HOH HOH A . 
B 2 HOH 52 252 252 HOH HOH A . 
B 2 HOH 53 253 253 HOH HOH A . 
B 2 HOH 54 254 254 HOH HOH A . 
B 2 HOH 55 255 255 HOH HOH A . 
B 2 HOH 56 256 256 HOH HOH A . 
B 2 HOH 57 257 257 HOH HOH A . 
B 2 HOH 58 258 258 HOH HOH A . 
B 2 HOH 59 259 259 HOH HOH A . 
B 2 HOH 60 260 260 HOH HOH A . 
B 2 HOH 61 261 261 HOH HOH A . 
B 2 HOH 62 262 262 HOH HOH A . 
B 2 HOH 63 263 263 HOH HOH A . 
B 2 HOH 64 264 264 HOH HOH A . 
B 2 HOH 65 265 265 HOH HOH A . 
B 2 HOH 66 266 266 HOH HOH A . 
B 2 HOH 67 267 267 HOH HOH A . 
B 2 HOH 68 268 268 HOH HOH A . 
B 2 HOH 69 269 269 HOH HOH A . 
# 
loop_
_pdbx_struct_mod_residue.id 
_pdbx_struct_mod_residue.label_asym_id 
_pdbx_struct_mod_residue.label_comp_id 
_pdbx_struct_mod_residue.label_seq_id 
_pdbx_struct_mod_residue.auth_asym_id 
_pdbx_struct_mod_residue.auth_comp_id 
_pdbx_struct_mod_residue.auth_seq_id 
_pdbx_struct_mod_residue.PDB_ins_code 
_pdbx_struct_mod_residue.parent_comp_id 
_pdbx_struct_mod_residue.details 
1 A A2M 9  A A2M 109 ? A ?                              
2 A 2SG 10 A 2SG 110 ? G 'GUANOSINE PHOSPHORODITHIOATE' 
# 
_pdbx_struct_assembly.id                   1 
_pdbx_struct_assembly.details              author_defined_assembly 
_pdbx_struct_assembly.method_details       ? 
_pdbx_struct_assembly.oligomeric_details   dimeric 
_pdbx_struct_assembly.oligomeric_count     2 
# 
_pdbx_struct_assembly_gen.assembly_id       1 
_pdbx_struct_assembly_gen.oper_expression   1,2 
_pdbx_struct_assembly_gen.asym_id_list      A,B 
# 
loop_
_pdbx_struct_oper_list.id 
_pdbx_struct_oper_list.type 
_pdbx_struct_oper_list.name 
_pdbx_struct_oper_list.symmetry_operation 
_pdbx_struct_oper_list.matrix[1][1] 
_pdbx_struct_oper_list.matrix[1][2] 
_pdbx_struct_oper_list.matrix[1][3] 
_pdbx_struct_oper_list.vector[1] 
_pdbx_struct_oper_list.matrix[2][1] 
_pdbx_struct_oper_list.matrix[2][2] 
_pdbx_struct_oper_list.matrix[2][3] 
_pdbx_struct_oper_list.vector[2] 
_pdbx_struct_oper_list.matrix[3][1] 
_pdbx_struct_oper_list.matrix[3][2] 
_pdbx_struct_oper_list.matrix[3][3] 
_pdbx_struct_oper_list.vector[3] 
1 'identity operation'         1_555 x,y,z     1.0000000000  0.0000000000 0.0000000000  0.0000000000 0.0000000000 1.0000000000  0.0000000000  0.0000000000 0.0000000000  0.0000000000  1.0000000000 0.0000000000 
2 'crystal symmetry operation' 2_556 -x,y,-z+1 -0.9522860430 0.0859216814 -0.2928630345 4.7976120129 0.0859216814 -0.8452751397 -0.5273778559 0.8187417935 -0.2928630345 -0.5273778559 0.7975611827 1.0218453322 
# 
loop_
_pdbx_audit_revision_history.ordinal 
_pdbx_audit_revision_history.data_content_type 
_pdbx_audit_revision_history.major_revision 
_pdbx_audit_revision_history.minor_revision 
_pdbx_audit_revision_history.revision_date 
1 'Structure model' 1 0 2015-09-16 
2 'Structure model' 1 1 2017-07-12 
3 'Structure model' 1 2 2023-09-20 
# 
_pdbx_audit_revision_details.ordinal             1 
_pdbx_audit_revision_details.revision_ordinal    1 
_pdbx_audit_revision_details.data_content_type   'Structure model' 
_pdbx_audit_revision_details.provider            repository 
_pdbx_audit_revision_details.type                'Initial release' 
_pdbx_audit_revision_details.description         ? 
_pdbx_audit_revision_details.details             ? 
# 
loop_
_pdbx_audit_revision_group.ordinal 
_pdbx_audit_revision_group.revision_ordinal 
_pdbx_audit_revision_group.data_content_type 
_pdbx_audit_revision_group.group 
1 2 'Structure model' 'Refinement description' 
2 3 'Structure model' 'Data collection'        
3 3 'Structure model' 'Database references'    
4 3 'Structure model' 'Derived calculations'   
5 3 'Structure model' 'Refinement description' 
# 
loop_
_pdbx_audit_revision_category.ordinal 
_pdbx_audit_revision_category.revision_ordinal 
_pdbx_audit_revision_category.data_content_type 
_pdbx_audit_revision_category.category 
1 2 'Structure model' pdbx_refine                   
2 3 'Structure model' chem_comp_atom                
3 3 'Structure model' chem_comp_bond                
4 3 'Structure model' database_2                    
5 3 'Structure model' pdbx_initial_refinement_model 
6 3 'Structure model' struct_conn                   
# 
loop_
_pdbx_audit_revision_item.ordinal 
_pdbx_audit_revision_item.revision_ordinal 
_pdbx_audit_revision_item.data_content_type 
_pdbx_audit_revision_item.item 
1 3 'Structure model' '_database_2.pdbx_DOI'                
2 3 'Structure model' '_database_2.pdbx_database_accession' 
3 3 'Structure model' '_struct_conn.pdbx_leaving_atom_flag' 
# 
loop_
_software.name 
_software.classification 
_software.version 
_software.citation_id 
_software.pdbx_ordinal 
MD2       'data collection' 'diffractometer software from EMBL (with LS-CAT developed extensions)' ? 1 
MOLREP    phasing           '(CCP4)'                                                               ? 2 
SHELXL-97 refinement        .                                                                      ? 3 
HKL-2000  'data reduction'  .                                                                      ? 4 
HKL-2000  'data scaling'    .                                                                      ? 5 
# 
_pdbx_validate_rmsd_bond.id                        1 
_pdbx_validate_rmsd_bond.PDB_model_num             1 
_pdbx_validate_rmsd_bond.auth_atom_id_1            C6 
_pdbx_validate_rmsd_bond.auth_asym_id_1            A 
_pdbx_validate_rmsd_bond.auth_comp_id_1            A 
_pdbx_validate_rmsd_bond.auth_seq_id_1             106 
_pdbx_validate_rmsd_bond.PDB_ins_code_1            ? 
_pdbx_validate_rmsd_bond.label_alt_id_1            B 
_pdbx_validate_rmsd_bond.auth_atom_id_2            N1 
_pdbx_validate_rmsd_bond.auth_asym_id_2            A 
_pdbx_validate_rmsd_bond.auth_comp_id_2            A 
_pdbx_validate_rmsd_bond.auth_seq_id_2             106 
_pdbx_validate_rmsd_bond.PDB_ins_code_2            ? 
_pdbx_validate_rmsd_bond.label_alt_id_2            B 
_pdbx_validate_rmsd_bond.bond_value                1.307 
_pdbx_validate_rmsd_bond.bond_target_value         1.351 
_pdbx_validate_rmsd_bond.bond_deviation            -0.044 
_pdbx_validate_rmsd_bond.bond_standard_deviation   0.007 
_pdbx_validate_rmsd_bond.linker_flag               N 
# 
loop_
_pdbx_validate_rmsd_angle.id 
_pdbx_validate_rmsd_angle.PDB_model_num 
_pdbx_validate_rmsd_angle.auth_atom_id_1 
_pdbx_validate_rmsd_angle.auth_asym_id_1 
_pdbx_validate_rmsd_angle.auth_comp_id_1 
_pdbx_validate_rmsd_angle.auth_seq_id_1 
_pdbx_validate_rmsd_angle.PDB_ins_code_1 
_pdbx_validate_rmsd_angle.label_alt_id_1 
_pdbx_validate_rmsd_angle.auth_atom_id_2 
_pdbx_validate_rmsd_angle.auth_asym_id_2 
_pdbx_validate_rmsd_angle.auth_comp_id_2 
_pdbx_validate_rmsd_angle.auth_seq_id_2 
_pdbx_validate_rmsd_angle.PDB_ins_code_2 
_pdbx_validate_rmsd_angle.label_alt_id_2 
_pdbx_validate_rmsd_angle.auth_atom_id_3 
_pdbx_validate_rmsd_angle.auth_asym_id_3 
_pdbx_validate_rmsd_angle.auth_comp_id_3 
_pdbx_validate_rmsd_angle.auth_seq_id_3 
_pdbx_validate_rmsd_angle.PDB_ins_code_3 
_pdbx_validate_rmsd_angle.label_alt_id_3 
_pdbx_validate_rmsd_angle.angle_value 
_pdbx_validate_rmsd_angle.angle_target_value 
_pdbx_validate_rmsd_angle.angle_deviation 
_pdbx_validate_rmsd_angle.angle_standard_deviation 
_pdbx_validate_rmsd_angle.linker_flag 
1  1 "O4'" A G 104 ? ? "C1'" A G 104 ? ? N9    A G 104 ? ? 113.21 108.50 4.71   0.70 N 
2  1 C6    A A 106 ? B N1    A A 106 ? B C2    A A 106 ? B 137.16 118.60 18.56  0.60 N 
3  1 N1    A A 106 ? A C2    A A 106 ? A N3    A A 106 ? A 126.02 129.30 -3.28  0.50 N 
4  1 N1    A A 106 ? B C2    A A 106 ? B N3    A A 106 ? B 122.69 129.30 -6.61  0.50 N 
5  1 C2    A A 106 ? B N3    A A 106 ? B C4    A A 106 ? B 101.79 110.60 -8.81  0.50 N 
6  1 N3    A A 106 ? A C4    A A 106 ? A C5    A A 106 ? A 131.64 126.80 4.84   0.70 N 
7  1 N3    A A 106 ? B C4    A A 106 ? B C5    A A 106 ? B 139.23 126.80 12.43  0.70 N 
8  1 C4    A A 106 ? A C5    A A 106 ? A C6    A A 106 ? A 112.93 117.00 -4.07  0.50 N 
9  1 C4    A A 106 ? B C5    A A 106 ? B C6    A A 106 ? B 112.67 117.00 -4.33  0.50 N 
10 1 C5    A A 106 ? B C6    A A 106 ? B N1    A A 106 ? B 106.46 117.70 -11.24 0.50 N 
11 1 N3    A A 106 ? B C4    A A 106 ? B N9    A A 106 ? B 116.21 127.40 -11.19 0.80 N 
12 1 N1    A A 106 ? B C6    A A 106 ? B N6    A A 106 ? B 122.36 118.60 3.76   0.60 N 
13 1 C5    A A 106 ? B C6    A A 106 ? B N6    A A 106 ? B 131.18 123.70 7.48   0.80 N 
14 1 C4    A A 106 ? B N9    A A 106 ? B "C1'" A A 106 ? B 114.54 126.30 -11.76 1.80 N 
15 1 C2    A U 107 ? B N3    A U 107 ? B C4    A U 107 ? B 133.61 127.00 6.61   0.60 N 
16 1 C5    A U 107 ? B C6    A U 107 ? B N1    A U 107 ? B 125.96 122.70 3.26   0.50 N 
# 
_pdbx_unobs_or_zero_occ_atoms.id               1 
_pdbx_unobs_or_zero_occ_atoms.PDB_model_num    1 
_pdbx_unobs_or_zero_occ_atoms.polymer_flag     Y 
_pdbx_unobs_or_zero_occ_atoms.occupancy_flag   1 
_pdbx_unobs_or_zero_occ_atoms.auth_asym_id     A 
_pdbx_unobs_or_zero_occ_atoms.auth_comp_id     G 
_pdbx_unobs_or_zero_occ_atoms.auth_seq_id      104 
_pdbx_unobs_or_zero_occ_atoms.PDB_ins_code     ? 
_pdbx_unobs_or_zero_occ_atoms.auth_atom_id     "C2'" 
_pdbx_unobs_or_zero_occ_atoms.label_alt_id     ? 
_pdbx_unobs_or_zero_occ_atoms.label_asym_id    A 
_pdbx_unobs_or_zero_occ_atoms.label_comp_id    G 
_pdbx_unobs_or_zero_occ_atoms.label_seq_id     4 
_pdbx_unobs_or_zero_occ_atoms.label_atom_id    "C2'" 
# 
loop_
_chem_comp_atom.comp_id 
_chem_comp_atom.atom_id 
_chem_comp_atom.type_symbol 
_chem_comp_atom.pdbx_aromatic_flag 
_chem_comp_atom.pdbx_stereo_config 
_chem_comp_atom.pdbx_ordinal 
2SG P      P N N 1   
2SG SP1    S N N 2   
2SG SP2    S N N 3   
2SG "O5'"  O N N 4   
2SG "C5'"  C N N 5   
2SG "C4'"  C N R 6   
2SG "C3'"  C N S 7   
2SG "O3'"  O N N 8   
2SG "C2'"  C N R 9   
2SG "O2'"  O N N 10  
2SG "C1'"  C N R 11  
2SG "O4'"  O N N 12  
2SG N9     N Y N 13  
2SG C4     C Y N 14  
2SG C5     C Y N 15  
2SG N7     N Y N 16  
2SG C8     C Y N 17  
2SG N3     N N N 18  
2SG C2     C N N 19  
2SG N2     N N N 20  
2SG N1     N N N 21  
2SG C6     C N N 22  
2SG O6     O N N 23  
2SG H1     H N N 24  
2SG H2     H N N 25  
2SG H3     H N N 26  
2SG H4     H N N 27  
2SG H5     H N N 28  
2SG H6     H N N 29  
2SG H7     H N N 30  
2SG H8     H N N 31  
2SG H9     H N N 32  
2SG H10    H N N 33  
2SG H11    H N N 34  
2SG H13    H N N 35  
2SG H14    H N N 36  
2SG OP3    O N N 37  
2SG H15    H N N 38  
2SG H12    H N N 39  
2SG H16    H N N 40  
A   OP3    O N N 41  
A   P      P N N 42  
A   OP1    O N N 43  
A   OP2    O N N 44  
A   "O5'"  O N N 45  
A   "C5'"  C N N 46  
A   "C4'"  C N R 47  
A   "O4'"  O N N 48  
A   "C3'"  C N S 49  
A   "O3'"  O N N 50  
A   "C2'"  C N R 51  
A   "O2'"  O N N 52  
A   "C1'"  C N R 53  
A   N9     N Y N 54  
A   C8     C Y N 55  
A   N7     N Y N 56  
A   C5     C Y N 57  
A   C6     C Y N 58  
A   N6     N N N 59  
A   N1     N Y N 60  
A   C2     C Y N 61  
A   N3     N Y N 62  
A   C4     C Y N 63  
A   HOP3   H N N 64  
A   HOP2   H N N 65  
A   "H5'"  H N N 66  
A   "H5''" H N N 67  
A   "H4'"  H N N 68  
A   "H3'"  H N N 69  
A   "HO3'" H N N 70  
A   "H2'"  H N N 71  
A   "HO2'" H N N 72  
A   "H1'"  H N N 73  
A   H8     H N N 74  
A   H61    H N N 75  
A   H62    H N N 76  
A   H2     H N N 77  
A2M P      P N N 78  
A2M OP1    O N N 79  
A2M OP3    O N N 80  
A2M "O5'"  O N N 81  
A2M "C5'"  C N N 82  
A2M "C4'"  C N R 83  
A2M "O4'"  O N N 84  
A2M "C3'"  C N R 85  
A2M "O3'"  O N N 86  
A2M "C2'"  C N R 87  
A2M "O2'"  O N N 88  
A2M "C1'"  C N R 89  
A2M "CM'"  C N N 90  
A2M N9     N Y N 91  
A2M C8     C Y N 92  
A2M N7     N Y N 93  
A2M C5     C Y N 94  
A2M C6     C Y N 95  
A2M N6     N N N 96  
A2M N1     N Y N 97  
A2M C2     C Y N 98  
A2M N3     N Y N 99  
A2M C4     C Y N 100 
A2M HOP3   H N N 101 
A2M "H5'"  H N N 102 
A2M "H5''" H N N 103 
A2M "H4'"  H N N 104 
A2M "H3'"  H N N 105 
A2M "HO3'" H N N 106 
A2M "H2'"  H N N 107 
A2M "H1'"  H N N 108 
A2M "HM'1" H N N 109 
A2M "HM'2" H N N 110 
A2M "HM'3" H N N 111 
A2M H8     H N N 112 
A2M H61    H N N 113 
A2M H62    H N N 114 
A2M H2     H N N 115 
A2M OP2    O N N 116 
A2M HOP2   H N N 117 
C   OP3    O N N 118 
C   P      P N N 119 
C   OP1    O N N 120 
C   OP2    O N N 121 
C   "O5'"  O N N 122 
C   "C5'"  C N N 123 
C   "C4'"  C N R 124 
C   "O4'"  O N N 125 
C   "C3'"  C N S 126 
C   "O3'"  O N N 127 
C   "C2'"  C N R 128 
C   "O2'"  O N N 129 
C   "C1'"  C N R 130 
C   N1     N N N 131 
C   C2     C N N 132 
C   O2     O N N 133 
C   N3     N N N 134 
C   C4     C N N 135 
C   N4     N N N 136 
C   C5     C N N 137 
C   C6     C N N 138 
C   HOP3   H N N 139 
C   HOP2   H N N 140 
C   "H5'"  H N N 141 
C   "H5''" H N N 142 
C   "H4'"  H N N 143 
C   "H3'"  H N N 144 
C   "HO3'" H N N 145 
C   "H2'"  H N N 146 
C   "HO2'" H N N 147 
C   "H1'"  H N N 148 
C   H41    H N N 149 
C   H42    H N N 150 
C   H5     H N N 151 
C   H6     H N N 152 
G   OP3    O N N 153 
G   P      P N N 154 
G   OP1    O N N 155 
G   OP2    O N N 156 
G   "O5'"  O N N 157 
G   "C5'"  C N N 158 
G   "C4'"  C N R 159 
G   "O4'"  O N N 160 
G   "C3'"  C N S 161 
G   "O3'"  O N N 162 
G   "C2'"  C N R 163 
G   "O2'"  O N N 164 
G   "C1'"  C N R 165 
G   N9     N Y N 166 
G   C8     C Y N 167 
G   N7     N Y N 168 
G   C5     C Y N 169 
G   C6     C N N 170 
G   O6     O N N 171 
G   N1     N N N 172 
G   C2     C N N 173 
G   N2     N N N 174 
G   N3     N N N 175 
G   C4     C Y N 176 
G   HOP3   H N N 177 
G   HOP2   H N N 178 
G   "H5'"  H N N 179 
G   "H5''" H N N 180 
G   "H4'"  H N N 181 
G   "H3'"  H N N 182 
G   "HO3'" H N N 183 
G   "H2'"  H N N 184 
G   "HO2'" H N N 185 
G   "H1'"  H N N 186 
G   H8     H N N 187 
G   H1     H N N 188 
G   H21    H N N 189 
G   H22    H N N 190 
HOH O      O N N 191 
HOH H1     H N N 192 
HOH H2     H N N 193 
U   OP3    O N N 194 
U   P      P N N 195 
U   OP1    O N N 196 
U   OP2    O N N 197 
U   "O5'"  O N N 198 
U   "C5'"  C N N 199 
U   "C4'"  C N R 200 
U   "O4'"  O N N 201 
U   "C3'"  C N S 202 
U   "O3'"  O N N 203 
U   "C2'"  C N R 204 
U   "O2'"  O N N 205 
U   "C1'"  C N R 206 
U   N1     N N N 207 
U   C2     C N N 208 
U   O2     O N N 209 
U   N3     N N N 210 
U   C4     C N N 211 
U   O4     O N N 212 
U   C5     C N N 213 
U   C6     C N N 214 
U   HOP3   H N N 215 
U   HOP2   H N N 216 
U   "H5'"  H N N 217 
U   "H5''" H N N 218 
U   "H4'"  H N N 219 
U   "H3'"  H N N 220 
U   "HO3'" H N N 221 
U   "H2'"  H N N 222 
U   "HO2'" H N N 223 
U   "H1'"  H N N 224 
U   H3     H N N 225 
U   H5     H N N 226 
U   H6     H N N 227 
# 
loop_
_chem_comp_bond.comp_id 
_chem_comp_bond.atom_id_1 
_chem_comp_bond.atom_id_2 
_chem_comp_bond.value_order 
_chem_comp_bond.pdbx_aromatic_flag 
_chem_comp_bond.pdbx_stereo_config 
_chem_comp_bond.pdbx_ordinal 
2SG "O3'" "C3'"  sing N N 1   
2SG "O2'" "C2'"  sing N N 2   
2SG "C2'" "C3'"  sing N N 3   
2SG "C2'" "C1'"  sing N N 4   
2SG "C3'" "C4'"  sing N N 5   
2SG "C4'" "C5'"  sing N N 6   
2SG "C4'" "O4'"  sing N N 7   
2SG "C5'" "O5'"  sing N N 8   
2SG "C1'" "O4'"  sing N N 9   
2SG "C1'" N9     sing N N 10  
2SG N2    C2     sing N N 11  
2SG N3    C2     doub N N 12  
2SG N3    C4     sing N N 13  
2SG "O5'" P      sing N N 14  
2SG N9    C4     sing Y N 15  
2SG N9    C8     sing Y N 16  
2SG C2    N1     sing N N 17  
2SG C4    C5     doub Y N 18  
2SG SP1   P      sing N N 19  
2SG C8    N7     doub Y N 20  
2SG P     SP2    sing N N 21  
2SG N1    C6     sing N N 22  
2SG C5    N7     sing Y N 23  
2SG C5    C6     sing N N 24  
2SG C6    O6     doub N N 25  
2SG SP1   H1     sing N N 26  
2SG SP2   H2     sing N N 27  
2SG "C5'" H3     sing N N 28  
2SG "C5'" H4     sing N N 29  
2SG "C4'" H5     sing N N 30  
2SG "C3'" H6     sing N N 31  
2SG "O3'" H7     sing N N 32  
2SG "C2'" H8     sing N N 33  
2SG "O2'" H9     sing N N 34  
2SG "C1'" H10    sing N N 35  
2SG C8    H11    sing N N 36  
2SG N2    H13    sing N N 37  
2SG N2    H14    sing N N 38  
2SG P     OP3    sing N N 39  
2SG P     H15    sing N N 40  
2SG N1    H12    sing N N 41  
2SG OP3   H16    sing N N 42  
A   OP3   P      sing N N 43  
A   OP3   HOP3   sing N N 44  
A   P     OP1    doub N N 45  
A   P     OP2    sing N N 46  
A   P     "O5'"  sing N N 47  
A   OP2   HOP2   sing N N 48  
A   "O5'" "C5'"  sing N N 49  
A   "C5'" "C4'"  sing N N 50  
A   "C5'" "H5'"  sing N N 51  
A   "C5'" "H5''" sing N N 52  
A   "C4'" "O4'"  sing N N 53  
A   "C4'" "C3'"  sing N N 54  
A   "C4'" "H4'"  sing N N 55  
A   "O4'" "C1'"  sing N N 56  
A   "C3'" "O3'"  sing N N 57  
A   "C3'" "C2'"  sing N N 58  
A   "C3'" "H3'"  sing N N 59  
A   "O3'" "HO3'" sing N N 60  
A   "C2'" "O2'"  sing N N 61  
A   "C2'" "C1'"  sing N N 62  
A   "C2'" "H2'"  sing N N 63  
A   "O2'" "HO2'" sing N N 64  
A   "C1'" N9     sing N N 65  
A   "C1'" "H1'"  sing N N 66  
A   N9    C8     sing Y N 67  
A   N9    C4     sing Y N 68  
A   C8    N7     doub Y N 69  
A   C8    H8     sing N N 70  
A   N7    C5     sing Y N 71  
A   C5    C6     sing Y N 72  
A   C5    C4     doub Y N 73  
A   C6    N6     sing N N 74  
A   C6    N1     doub Y N 75  
A   N6    H61    sing N N 76  
A   N6    H62    sing N N 77  
A   N1    C2     sing Y N 78  
A   C2    N3     doub Y N 79  
A   C2    H2     sing N N 80  
A   N3    C4     sing Y N 81  
A2M P     OP1    doub N N 82  
A2M P     OP3    sing N N 83  
A2M P     "O5'"  sing N N 84  
A2M OP3   HOP3   sing N N 85  
A2M "O5'" "C5'"  sing N N 86  
A2M "C5'" "C4'"  sing N N 87  
A2M "C5'" "H5'"  sing N N 88  
A2M "C5'" "H5''" sing N N 89  
A2M "C4'" "O4'"  sing N N 90  
A2M "C4'" "C3'"  sing N N 91  
A2M "C4'" "H4'"  sing N N 92  
A2M "O4'" "C1'"  sing N N 93  
A2M "C3'" "O3'"  sing N N 94  
A2M "C3'" "C2'"  sing N N 95  
A2M "C3'" "H3'"  sing N N 96  
A2M "O3'" "HO3'" sing N N 97  
A2M "C2'" "O2'"  sing N N 98  
A2M "C2'" "C1'"  sing N N 99  
A2M "C2'" "H2'"  sing N N 100 
A2M "O2'" "CM'"  sing N N 101 
A2M "C1'" N9     sing N N 102 
A2M "C1'" "H1'"  sing N N 103 
A2M "CM'" "HM'1" sing N N 104 
A2M "CM'" "HM'2" sing N N 105 
A2M "CM'" "HM'3" sing N N 106 
A2M N9    C8     sing Y N 107 
A2M N9    C4     sing Y N 108 
A2M C8    N7     doub Y N 109 
A2M C8    H8     sing N N 110 
A2M N7    C5     sing Y N 111 
A2M C5    C6     sing Y N 112 
A2M C5    C4     doub Y N 113 
A2M C6    N6     sing N N 114 
A2M C6    N1     doub Y N 115 
A2M N6    H61    sing N N 116 
A2M N6    H62    sing N N 117 
A2M N1    C2     sing Y N 118 
A2M C2    N3     doub Y N 119 
A2M C2    H2     sing N N 120 
A2M N3    C4     sing Y N 121 
A2M P     OP2    sing N N 122 
A2M OP2   HOP2   sing N N 123 
C   OP3   P      sing N N 124 
C   OP3   HOP3   sing N N 125 
C   P     OP1    doub N N 126 
C   P     OP2    sing N N 127 
C   P     "O5'"  sing N N 128 
C   OP2   HOP2   sing N N 129 
C   "O5'" "C5'"  sing N N 130 
C   "C5'" "C4'"  sing N N 131 
C   "C5'" "H5'"  sing N N 132 
C   "C5'" "H5''" sing N N 133 
C   "C4'" "O4'"  sing N N 134 
C   "C4'" "C3'"  sing N N 135 
C   "C4'" "H4'"  sing N N 136 
C   "O4'" "C1'"  sing N N 137 
C   "C3'" "O3'"  sing N N 138 
C   "C3'" "C2'"  sing N N 139 
C   "C3'" "H3'"  sing N N 140 
C   "O3'" "HO3'" sing N N 141 
C   "C2'" "O2'"  sing N N 142 
C   "C2'" "C1'"  sing N N 143 
C   "C2'" "H2'"  sing N N 144 
C   "O2'" "HO2'" sing N N 145 
C   "C1'" N1     sing N N 146 
C   "C1'" "H1'"  sing N N 147 
C   N1    C2     sing N N 148 
C   N1    C6     sing N N 149 
C   C2    O2     doub N N 150 
C   C2    N3     sing N N 151 
C   N3    C4     doub N N 152 
C   C4    N4     sing N N 153 
C   C4    C5     sing N N 154 
C   N4    H41    sing N N 155 
C   N4    H42    sing N N 156 
C   C5    C6     doub N N 157 
C   C5    H5     sing N N 158 
C   C6    H6     sing N N 159 
G   OP3   P      sing N N 160 
G   OP3   HOP3   sing N N 161 
G   P     OP1    doub N N 162 
G   P     OP2    sing N N 163 
G   P     "O5'"  sing N N 164 
G   OP2   HOP2   sing N N 165 
G   "O5'" "C5'"  sing N N 166 
G   "C5'" "C4'"  sing N N 167 
G   "C5'" "H5'"  sing N N 168 
G   "C5'" "H5''" sing N N 169 
G   "C4'" "O4'"  sing N N 170 
G   "C4'" "C3'"  sing N N 171 
G   "C4'" "H4'"  sing N N 172 
G   "O4'" "C1'"  sing N N 173 
G   "C3'" "O3'"  sing N N 174 
G   "C3'" "C2'"  sing N N 175 
G   "C3'" "H3'"  sing N N 176 
G   "O3'" "HO3'" sing N N 177 
G   "C2'" "O2'"  sing N N 178 
G   "C2'" "C1'"  sing N N 179 
G   "C2'" "H2'"  sing N N 180 
G   "O2'" "HO2'" sing N N 181 
G   "C1'" N9     sing N N 182 
G   "C1'" "H1'"  sing N N 183 
G   N9    C8     sing Y N 184 
G   N9    C4     sing Y N 185 
G   C8    N7     doub Y N 186 
G   C8    H8     sing N N 187 
G   N7    C5     sing Y N 188 
G   C5    C6     sing N N 189 
G   C5    C4     doub Y N 190 
G   C6    O6     doub N N 191 
G   C6    N1     sing N N 192 
G   N1    C2     sing N N 193 
G   N1    H1     sing N N 194 
G   C2    N2     sing N N 195 
G   C2    N3     doub N N 196 
G   N2    H21    sing N N 197 
G   N2    H22    sing N N 198 
G   N3    C4     sing N N 199 
HOH O     H1     sing N N 200 
HOH O     H2     sing N N 201 
U   OP3   P      sing N N 202 
U   OP3   HOP3   sing N N 203 
U   P     OP1    doub N N 204 
U   P     OP2    sing N N 205 
U   P     "O5'"  sing N N 206 
U   OP2   HOP2   sing N N 207 
U   "O5'" "C5'"  sing N N 208 
U   "C5'" "C4'"  sing N N 209 
U   "C5'" "H5'"  sing N N 210 
U   "C5'" "H5''" sing N N 211 
U   "C4'" "O4'"  sing N N 212 
U   "C4'" "C3'"  sing N N 213 
U   "C4'" "H4'"  sing N N 214 
U   "O4'" "C1'"  sing N N 215 
U   "C3'" "O3'"  sing N N 216 
U   "C3'" "C2'"  sing N N 217 
U   "C3'" "H3'"  sing N N 218 
U   "O3'" "HO3'" sing N N 219 
U   "C2'" "O2'"  sing N N 220 
U   "C2'" "C1'"  sing N N 221 
U   "C2'" "H2'"  sing N N 222 
U   "O2'" "HO2'" sing N N 223 
U   "C1'" N1     sing N N 224 
U   "C1'" "H1'"  sing N N 225 
U   N1    C2     sing N N 226 
U   N1    C6     sing N N 227 
U   C2    O2     doub N N 228 
U   C2    N3     sing N N 229 
U   N3    C4     sing N N 230 
U   N3    H3     sing N N 231 
U   C4    O4     doub N N 232 
U   C4    C5     sing N N 233 
U   C5    C6     doub N N 234 
U   C5    H5     sing N N 235 
U   C6    H6     sing N N 236 
# 
loop_
_ndb_struct_conf_na.entry_id 
_ndb_struct_conf_na.feature 
4RC0 'double helix'         
4RC0 'mismatched base pair' 
4RC0 'internal loop'        
# 
loop_
_ndb_struct_na_base_pair.model_number 
_ndb_struct_na_base_pair.i_label_asym_id 
_ndb_struct_na_base_pair.i_label_comp_id 
_ndb_struct_na_base_pair.i_label_seq_id 
_ndb_struct_na_base_pair.i_symmetry 
_ndb_struct_na_base_pair.j_label_asym_id 
_ndb_struct_na_base_pair.j_label_comp_id 
_ndb_struct_na_base_pair.j_label_seq_id 
_ndb_struct_na_base_pair.j_symmetry 
_ndb_struct_na_base_pair.shear 
_ndb_struct_na_base_pair.stretch 
_ndb_struct_na_base_pair.stagger 
_ndb_struct_na_base_pair.buckle 
_ndb_struct_na_base_pair.propeller 
_ndb_struct_na_base_pair.opening 
_ndb_struct_na_base_pair.pair_number 
_ndb_struct_na_base_pair.pair_name 
_ndb_struct_na_base_pair.i_auth_asym_id 
_ndb_struct_na_base_pair.i_auth_seq_id 
_ndb_struct_na_base_pair.i_PDB_ins_code 
_ndb_struct_na_base_pair.j_auth_asym_id 
_ndb_struct_na_base_pair.j_auth_seq_id 
_ndb_struct_na_base_pair.j_PDB_ins_code 
_ndb_struct_na_base_pair.hbond_type_28 
_ndb_struct_na_base_pair.hbond_type_12 
1 A C 1 1_555 A G   12 2_556 0.121  -0.115 -0.013 7.886  -14.049 -0.058  1 A_C101:G112_A   A 101 ? A 112 ? 19 1 
1 A G 2 1_555 A C   11 2_556 -0.263 -0.151 0.036  -4.427 -16.745 1.008   2 A_G102:C111_A   A 102 ? A 111 ? 19 1 
1 A G 4 1_555 A A2M 9  2_556 -0.028 1.469  -0.446 5.288  -11.702 -15.772 3 A_G104:A2M109_A A 104 ? A 109 ? 8  1 
1 A A 5 1_555 A U   8  2_556 -0.670 0.332  0.313  0.622  -13.704 -8.404  4 A_A105:U108_A   A 105 ? A 108 ? ?  ? 
1 A C 1 1_555 A G   12 1_555 0.121  -0.115 -0.013 7.886  -14.049 -0.058  5 A_C101:G112_A   A 101 ? A 112 ? 19 1 
1 A G 2 1_555 A C   11 1_555 -0.263 -0.151 0.036  -4.427 -16.745 1.008   6 A_G102:C111_A   A 102 ? A 111 ? 19 1 
1 A G 4 1_555 A A2M 9  1_555 -0.028 1.469  -0.446 5.288  -11.702 -15.772 7 A_G104:A2M109_A A 104 ? A 109 ? 8  1 
1 A A 5 1_555 A U   8  1_555 -0.670 0.332  0.313  0.622  -13.704 -8.404  8 A_A105:U108_A   A 105 ? A 108 ? ?  ? 
# 
loop_
_ndb_struct_na_base_pair_step.model_number 
_ndb_struct_na_base_pair_step.i_label_asym_id_1 
_ndb_struct_na_base_pair_step.i_label_comp_id_1 
_ndb_struct_na_base_pair_step.i_label_seq_id_1 
_ndb_struct_na_base_pair_step.i_symmetry_1 
_ndb_struct_na_base_pair_step.j_label_asym_id_1 
_ndb_struct_na_base_pair_step.j_label_comp_id_1 
_ndb_struct_na_base_pair_step.j_label_seq_id_1 
_ndb_struct_na_base_pair_step.j_symmetry_1 
_ndb_struct_na_base_pair_step.i_label_asym_id_2 
_ndb_struct_na_base_pair_step.i_label_comp_id_2 
_ndb_struct_na_base_pair_step.i_label_seq_id_2 
_ndb_struct_na_base_pair_step.i_symmetry_2 
_ndb_struct_na_base_pair_step.j_label_asym_id_2 
_ndb_struct_na_base_pair_step.j_label_comp_id_2 
_ndb_struct_na_base_pair_step.j_label_seq_id_2 
_ndb_struct_na_base_pair_step.j_symmetry_2 
_ndb_struct_na_base_pair_step.shift 
_ndb_struct_na_base_pair_step.slide 
_ndb_struct_na_base_pair_step.rise 
_ndb_struct_na_base_pair_step.tilt 
_ndb_struct_na_base_pair_step.roll 
_ndb_struct_na_base_pair_step.twist 
_ndb_struct_na_base_pair_step.x_displacement 
_ndb_struct_na_base_pair_step.y_displacement 
_ndb_struct_na_base_pair_step.helical_rise 
_ndb_struct_na_base_pair_step.inclination 
_ndb_struct_na_base_pair_step.tip 
_ndb_struct_na_base_pair_step.helical_twist 
_ndb_struct_na_base_pair_step.step_number 
_ndb_struct_na_base_pair_step.step_name 
_ndb_struct_na_base_pair_step.i_auth_asym_id_1 
_ndb_struct_na_base_pair_step.i_auth_seq_id_1 
_ndb_struct_na_base_pair_step.i_PDB_ins_code_1 
_ndb_struct_na_base_pair_step.j_auth_asym_id_1 
_ndb_struct_na_base_pair_step.j_auth_seq_id_1 
_ndb_struct_na_base_pair_step.j_PDB_ins_code_1 
_ndb_struct_na_base_pair_step.i_auth_asym_id_2 
_ndb_struct_na_base_pair_step.i_auth_seq_id_2 
_ndb_struct_na_base_pair_step.i_PDB_ins_code_2 
_ndb_struct_na_base_pair_step.j_auth_asym_id_2 
_ndb_struct_na_base_pair_step.j_auth_seq_id_2 
_ndb_struct_na_base_pair_step.j_PDB_ins_code_2 
1 A C 1 1_555 A G   12 2_556 A G 2 1_555 A C   11 2_556 -0.370 -1.724 3.372 -3.240 12.986 31.991 -4.779 0.153  2.527 22.377 5.584 
34.611 1 AA_C101G102:C111G112_AA   A 101 ? A 112 ? A 102 ? A 111 ? 
1 A G 2 1_555 A C   11 2_556 A G 4 1_555 A A2M 9  2_556 -1.481 -2.721 6.298 -1.198 14.848 61.385 -3.829 1.318  5.599 14.320 1.155 
62.995 2 AA_G102G104:A2M109C111_AA A 102 ? A 111 ? A 104 ? A 109 ? 
1 A G 4 1_555 A A2M 9  2_556 A A 5 1_555 A U   8  2_556 0.556  -1.582 3.217 -4.677 12.624 30.838 -4.563 -1.638 2.305 22.446 8.316 
33.583 3 AA_G104A105:U108A2M109_AA A 104 ? A 109 ? A 105 ? A 108 ? 
1 A C 1 1_555 A G   12 1_555 A G 2 1_555 A C   11 1_555 -0.370 -1.724 3.372 -3.240 12.986 31.991 -4.779 0.153  2.527 22.377 5.584 
34.611 4 AA_C101G102:C111G112_AA   A 101 ? A 112 ? A 102 ? A 111 ? 
1 A G 2 1_555 A C   11 1_555 A G 4 1_555 A A2M 9  1_555 -1.481 -2.721 6.298 -1.198 14.848 61.385 -3.829 1.318  5.599 14.320 1.155 
62.995 5 AA_G102G104:A2M109C111_AA A 102 ? A 111 ? A 104 ? A 109 ? 
1 A G 4 1_555 A A2M 9  1_555 A A 5 1_555 A U   8  1_555 0.556  -1.582 3.217 -4.677 12.624 30.838 -4.563 -1.638 2.305 22.446 8.316 
33.583 6 AA_G104A105:U108A2M109_AA A 104 ? A 109 ? A 105 ? A 108 ? 
# 
_pdbx_entity_nonpoly.entity_id   2 
_pdbx_entity_nonpoly.name        water 
_pdbx_entity_nonpoly.comp_id     HOH 
# 
_pdbx_initial_refinement_model.id               1 
_pdbx_initial_refinement_model.entity_id_list   ? 
_pdbx_initial_refinement_model.type             'experimental model' 
_pdbx_initial_refinement_model.source_name      PDB 
_pdbx_initial_refinement_model.accession_code   2Q1R 
_pdbx_initial_refinement_model.details          'PDB ENTRY 2Q1R' 
# 
